data_8ZUF
#
_entry.id   8ZUF
#
_cell.length_a   1.00
_cell.length_b   1.00
_cell.length_c   1.00
_cell.angle_alpha   90.00
_cell.angle_beta   90.00
_cell.angle_gamma   90.00
#
_symmetry.space_group_name_H-M   'P 1'
#
loop_
_entity.id
_entity.type
_entity.pdbx_description
1 polymer 'Angiotensin-converting enzyme'
2 polymer 'MOW15-22 RBD'
3 branched beta-D-mannopyranose-(1-4)-2-acetamido-2-deoxy-beta-D-glucopyranose-(1-4)-2-acetamido-2-deoxy-beta-D-glucopyranose
4 branched 2-acetamido-2-deoxy-beta-D-glucopyranose-(1-4)-2-acetamido-2-deoxy-beta-D-glucopyranose
5 non-polymer 2-acetamido-2-deoxy-beta-D-glucopyranose
6 non-polymer 'ZINC ION'
#
loop_
_entity_poly.entity_id
_entity_poly.type
_entity_poly.pdbx_seq_one_letter_code
_entity_poly.pdbx_strand_id
1 'polypeptide(L)'
;EEKAREFLDKFNSEAENWSHESALASWDYNTNINDKNAQKMNEADSKWSAFYKEHSKLAQGFPLQEIQNSTIKLQLQILQ
QNGSSVLTAEKSKRLSTILTTMSTIYSTGKVCNPNNPQQCFTLSGLEDIMEKSKDYHQRLWIWEGWRSEVGKQLRPLYEE
YVALKNEMARGNNYKDYGDYWRGDYETEGGDGYNYSRNHLIEDVDRIFLEIKPLYEQLHAYVRAKLMNAYPSRISPTGCL
PAHLLGDMWGRFWTNLYNLTVPFEKKQNIDVTDTMKKQSWDAEKIFKEAEKFYLSVGLHNMTPEFWNNSMLTEPSDGRQV
VCHPTAWDLGKNDFRIKMCTKVTMDDFLTAHHEMGHIQYDMAYAKQPYLLRNGANEGFHEAVGEIMSLSAATPKHLKDLG
LLAQNYPEDYETEINFLLKQALNIVGTLPFTYMLEKWRWMVFEGKIPKEQWMEKWWEMKREIVGVVEPLPHDETYCDPAS
LFHVANDYSFIRYFTRTILEFQFQEALCQIANHTGPLHKCDISNSTEAGKQLKNMLELGKSKPWTFALEQIARTKEMDAK
PLLNYFKPLFSWLKELNGNSVGWSADWSPYSEQSIKVRISLKSALGEKAYEWNDNEMYLFRSSVAYAMRVYFLKVKNETI
PFRAEDVWVSDEKIRVSFKFFVTSPTNVSDIIPRSEVEDAIRMSRGRINDAFRLDDKTLEFLGIQPTLGPPYQPPVTIWL
IVFGVVMGMVVIGIGVLIFTGIRDRKKKNQAENEENPYSSVNLSKGENNPGFQSGDDVQTSF
;
A
2 'polypeptide(L)'
;ECDFTKLFIGQVPQPYEFGRLVFTNCNYNFTKLLSYFQVNTFQCQKVTPESIATGCYSSLTVDWFAYRVEDKSDLLPGSS
SDLQRFNYKPTYSNPTCLISAYTNLVPLGGVNPTNYTTLTNCYGCVDKDPANPWGDQICIPEFVTEVEPGFRPKPSCARV
GLEGHISGNDTYSAIVTNGELDSTGDPIWRKGVALTKQPIDSSRADLAFFVSV
;
B
#
# COMPACT_ATOMS: atom_id res chain seq x y z
N GLU A 1 21.50 38.10 -3.66
CA GLU A 1 20.23 37.37 -3.72
C GLU A 1 19.24 38.01 -4.69
N GLU A 2 19.13 39.36 -4.66
CA GLU A 2 18.15 40.08 -5.46
C GLU A 2 18.30 39.81 -6.96
N LYS A 3 19.54 39.69 -7.41
CA LYS A 3 19.80 39.41 -8.81
C LYS A 3 19.35 37.99 -9.15
N ALA A 4 19.57 37.06 -8.21
CA ALA A 4 19.16 35.67 -8.40
C ALA A 4 17.64 35.56 -8.42
N ARG A 5 17.00 36.37 -7.60
CA ARG A 5 15.55 36.38 -7.51
C ARG A 5 14.93 36.79 -8.84
N GLU A 6 15.48 37.85 -9.44
CA GLU A 6 14.99 38.32 -10.73
C GLU A 6 15.28 37.28 -11.81
N PHE A 7 16.45 36.65 -11.72
CA PHE A 7 16.86 35.61 -12.66
C PHE A 7 15.90 34.43 -12.66
N LEU A 8 15.58 33.94 -11.46
CA LEU A 8 14.68 32.80 -11.34
C LEU A 8 13.27 33.17 -11.75
N ASP A 9 12.85 34.39 -11.46
CA ASP A 9 11.51 34.82 -11.83
C ASP A 9 11.37 34.82 -13.36
N LYS A 10 12.37 35.37 -14.04
CA LYS A 10 12.38 35.37 -15.50
C LYS A 10 12.40 33.95 -16.04
N PHE A 11 13.27 33.11 -15.45
CA PHE A 11 13.37 31.72 -15.85
C PHE A 11 12.05 30.99 -15.72
N ASN A 12 11.41 31.13 -14.57
CA ASN A 12 10.19 30.38 -14.28
C ASN A 12 9.07 30.75 -15.25
N SER A 13 9.00 32.03 -15.62
CA SER A 13 7.97 32.48 -16.55
C SER A 13 8.17 31.85 -17.92
N GLU A 14 9.41 31.92 -18.42
CA GLU A 14 9.72 31.37 -19.73
C GLU A 14 9.72 29.84 -19.70
N ALA A 15 10.13 29.26 -18.58
CA ALA A 15 10.22 27.82 -18.46
C ALA A 15 8.84 27.18 -18.60
N GLU A 16 7.84 27.78 -17.99
CA GLU A 16 6.49 27.24 -18.13
C GLU A 16 6.03 27.35 -19.57
N ASN A 17 6.35 28.46 -20.22
CA ASN A 17 5.98 28.66 -21.60
C ASN A 17 6.56 27.57 -22.50
N TRP A 18 7.86 27.32 -22.35
CA TRP A 18 8.56 26.36 -23.20
C TRP A 18 8.20 24.92 -22.84
N SER A 19 8.06 24.65 -21.54
CA SER A 19 7.70 23.31 -21.08
C SER A 19 6.33 22.92 -21.58
N HIS A 20 5.41 23.89 -21.60
CA HIS A 20 4.06 23.65 -22.08
C HIS A 20 4.07 23.20 -23.52
N GLU A 21 4.84 23.88 -24.37
CA GLU A 21 4.90 23.52 -25.77
C GLU A 21 5.49 22.12 -25.95
N SER A 22 6.49 21.81 -25.13
CA SER A 22 7.10 20.48 -25.15
C SER A 22 6.10 19.40 -24.74
N ALA A 23 5.37 19.66 -23.67
CA ALA A 23 4.39 18.71 -23.17
C ALA A 23 3.25 18.50 -24.17
N LEU A 24 2.84 19.56 -24.86
CA LEU A 24 1.77 19.43 -25.82
C LEU A 24 2.17 18.52 -26.96
N ALA A 25 3.38 18.72 -27.47
CA ALA A 25 3.83 17.91 -28.60
C ALA A 25 3.96 16.45 -28.21
N SER A 26 4.45 16.19 -26.99
CA SER A 26 4.59 14.82 -26.51
C SER A 26 3.23 14.16 -26.37
N TRP A 27 2.27 14.90 -25.81
CA TRP A 27 0.91 14.38 -25.68
C TRP A 27 0.35 13.97 -27.03
N ASP A 28 0.44 14.87 -28.01
CA ASP A 28 -0.12 14.61 -29.33
C ASP A 28 0.47 13.34 -29.92
N TYR A 29 1.76 13.12 -29.72
CA TYR A 29 2.41 11.90 -30.18
C TYR A 29 1.82 10.66 -29.53
N ASN A 30 1.73 10.66 -28.20
CA ASN A 30 1.31 9.47 -27.47
C ASN A 30 -0.14 9.08 -27.73
N THR A 31 -0.97 10.06 -28.06
CA THR A 31 -2.38 9.80 -28.33
C THR A 31 -2.66 9.70 -29.84
N ASN A 32 -1.60 9.80 -30.64
CA ASN A 32 -1.72 9.70 -32.10
C ASN A 32 -0.33 9.48 -32.71
N ILE A 33 0.12 8.24 -32.71
CA ILE A 33 1.50 7.96 -33.07
C ILE A 33 1.71 7.88 -34.57
N ASN A 34 2.44 8.86 -35.09
CA ASN A 34 2.76 8.95 -36.51
C ASN A 34 4.00 9.83 -36.69
N ASP A 35 4.44 9.99 -37.94
CA ASP A 35 5.66 10.73 -38.23
C ASP A 35 5.50 12.22 -37.97
N LYS A 36 4.32 12.75 -38.25
CA LYS A 36 4.10 14.18 -38.11
C LYS A 36 4.18 14.63 -36.66
N ASN A 37 3.56 13.84 -35.77
CA ASN A 37 3.56 14.19 -34.36
C ASN A 37 4.90 13.87 -33.71
N ALA A 38 5.57 12.83 -34.20
CA ALA A 38 6.89 12.47 -33.68
C ALA A 38 7.87 13.60 -33.94
N GLN A 39 7.75 14.22 -35.12
CA GLN A 39 8.63 15.33 -35.48
C GLN A 39 8.37 16.53 -34.59
N LYS A 40 7.10 16.82 -34.33
CA LYS A 40 6.76 17.95 -33.46
C LYS A 40 7.28 17.72 -32.06
N MET A 41 7.17 16.48 -31.58
CA MET A 41 7.66 16.13 -30.25
C MET A 41 9.15 16.33 -30.15
N ASN A 42 9.90 15.85 -31.15
CA ASN A 42 11.34 15.95 -31.11
C ASN A 42 11.81 17.40 -31.17
N GLU A 43 11.14 18.21 -31.99
CA GLU A 43 11.52 19.62 -32.12
C GLU A 43 11.20 20.39 -30.86
N ALA A 44 10.03 20.15 -30.28
CA ALA A 44 9.63 20.86 -29.09
C ALA A 44 10.50 20.49 -27.90
N ASP A 45 10.90 19.22 -27.82
CA ASP A 45 11.79 18.76 -26.75
C ASP A 45 13.17 19.39 -26.90
N SER A 46 13.63 19.52 -28.15
CA SER A 46 14.93 20.12 -28.42
C SER A 46 14.95 21.58 -27.98
N LYS A 47 13.90 22.31 -28.31
CA LYS A 47 13.80 23.72 -27.93
C LYS A 47 13.79 23.86 -26.42
N TRP A 48 13.07 22.99 -25.73
CA TRP A 48 13.05 22.99 -24.28
C TRP A 48 14.44 22.78 -23.70
N SER A 49 15.15 21.77 -24.20
CA SER A 49 16.46 21.43 -23.67
C SER A 49 17.44 22.56 -23.87
N ALA A 50 17.39 23.20 -25.04
CA ALA A 50 18.28 24.33 -25.33
C ALA A 50 18.01 25.47 -24.34
N PHE A 51 16.73 25.72 -24.08
CA PHE A 51 16.33 26.74 -23.14
C PHE A 51 16.85 26.44 -21.73
N TYR A 52 16.64 25.21 -21.29
CA TYR A 52 17.00 24.86 -19.92
C TYR A 52 18.50 25.00 -19.72
N LYS A 53 19.28 24.50 -20.68
CA LYS A 53 20.74 24.57 -20.58
C LYS A 53 21.25 26.01 -20.62
N GLU A 54 20.60 26.87 -21.41
CA GLU A 54 21.02 28.26 -21.48
C GLU A 54 20.99 28.89 -20.09
N HIS A 55 19.87 28.70 -19.40
CA HIS A 55 19.70 29.27 -18.08
C HIS A 55 20.50 28.52 -17.02
N SER A 56 20.71 27.23 -17.24
CA SER A 56 21.53 26.46 -16.31
C SER A 56 22.92 27.08 -16.22
N LYS A 57 23.49 27.44 -17.37
CA LYS A 57 24.79 28.09 -17.41
C LYS A 57 24.75 29.48 -16.77
N LEU A 58 23.69 30.23 -17.04
CA LEU A 58 23.55 31.57 -16.45
C LEU A 58 23.42 31.49 -14.94
N ALA A 59 22.81 30.42 -14.44
CA ALA A 59 22.58 30.22 -13.01
C ALA A 59 23.89 30.14 -12.24
N GLN A 60 25.01 29.94 -12.93
CA GLN A 60 26.29 29.79 -12.27
C GLN A 60 26.80 31.14 -11.77
N GLY A 61 26.10 32.21 -12.12
CA GLY A 61 26.49 33.55 -11.72
C GLY A 61 25.88 33.93 -10.38
N PHE A 62 25.21 32.98 -9.74
CA PHE A 62 24.54 33.24 -8.47
C PHE A 62 24.94 32.25 -7.38
N PRO A 63 26.06 32.50 -6.69
CA PRO A 63 26.62 31.65 -5.65
C PRO A 63 25.59 31.41 -4.57
N LEU A 64 25.54 30.18 -4.07
CA LEU A 64 24.56 29.82 -3.06
C LEU A 64 24.93 30.40 -1.71
N GLN A 65 26.20 30.74 -1.57
CA GLN A 65 26.74 31.29 -0.34
C GLN A 65 26.24 32.71 -0.10
N GLU A 66 25.68 33.31 -1.15
CA GLU A 66 25.18 34.68 -1.07
C GLU A 66 23.68 34.71 -0.88
N ILE A 67 23.06 33.54 -0.73
CA ILE A 67 21.60 33.44 -0.67
C ILE A 67 21.11 33.12 0.74
N GLN A 68 20.14 33.89 1.21
CA GLN A 68 19.54 33.65 2.53
C GLN A 68 18.16 32.98 2.44
N ASN A 69 17.38 33.32 1.41
CA ASN A 69 16.07 32.76 1.13
C ASN A 69 16.18 31.30 0.68
N SER A 70 15.49 30.40 1.36
CA SER A 70 15.54 28.97 1.05
C SER A 70 14.95 28.63 -0.30
N THR A 71 13.95 29.41 -0.73
CA THR A 71 13.31 29.17 -2.01
C THR A 71 14.28 29.43 -3.15
N ILE A 72 15.00 30.54 -3.06
CA ILE A 72 15.95 30.90 -4.10
C ILE A 72 17.12 29.95 -4.11
N LYS A 73 17.64 29.65 -2.93
CA LYS A 73 18.78 28.75 -2.84
C LYS A 73 18.45 27.41 -3.46
N LEU A 74 17.25 26.91 -3.17
CA LEU A 74 16.83 25.61 -3.65
C LEU A 74 16.68 25.56 -5.17
N GLN A 75 16.05 26.58 -5.75
CA GLN A 75 15.87 26.60 -7.19
C GLN A 75 17.21 26.71 -7.91
N LEU A 76 18.13 27.47 -7.33
CA LEU A 76 19.46 27.59 -7.93
C LEU A 76 20.19 26.26 -7.87
N GLN A 77 20.01 25.52 -6.78
CA GLN A 77 20.66 24.21 -6.65
C GLN A 77 20.21 23.27 -7.76
N ILE A 78 18.92 23.37 -8.13
CA ILE A 78 18.35 22.51 -9.20
C ILE A 78 18.94 22.95 -10.55
N LEU A 79 18.73 24.22 -10.92
CA LEU A 79 19.21 24.70 -12.25
C LEU A 79 20.74 24.59 -12.31
N GLN A 80 21.44 24.94 -11.23
CA GLN A 80 22.93 24.96 -11.21
C GLN A 80 23.56 23.58 -11.40
N GLN A 81 22.99 22.51 -10.85
CA GLN A 81 23.77 21.25 -10.91
C GLN A 81 24.07 20.91 -12.36
N ASN A 82 25.34 20.64 -12.63
CA ASN A 82 25.79 20.27 -14.00
C ASN A 82 25.24 18.91 -14.43
N GLY A 83 25.20 17.95 -13.50
CA GLY A 83 24.84 16.59 -13.91
C GLY A 83 25.87 16.04 -14.89
N SER A 84 25.45 15.59 -16.07
CA SER A 84 26.34 14.90 -17.04
C SER A 84 27.49 15.80 -17.51
N SER A 85 27.25 17.11 -17.66
CA SER A 85 28.27 17.99 -18.29
C SER A 85 29.60 17.98 -17.54
N VAL A 86 29.63 17.92 -16.21
CA VAL A 86 30.95 17.81 -15.51
C VAL A 86 31.91 16.85 -16.26
N LEU A 87 31.41 16.06 -17.22
CA LEU A 87 32.24 15.13 -17.96
C LEU A 87 32.82 15.79 -19.20
N THR A 88 33.94 15.27 -19.67
CA THR A 88 34.53 15.77 -20.91
C THR A 88 33.68 15.29 -22.08
N ALA A 89 33.89 15.88 -23.26
CA ALA A 89 33.06 15.57 -24.41
C ALA A 89 33.09 14.08 -24.76
N GLU A 90 34.26 13.48 -24.64
CA GLU A 90 34.41 12.08 -24.99
C GLU A 90 33.65 11.13 -24.07
N LYS A 91 33.72 11.40 -22.77
CA LYS A 91 33.06 10.56 -21.78
C LYS A 91 31.55 10.80 -21.73
N SER A 92 31.14 12.03 -22.00
CA SER A 92 29.72 12.35 -22.02
C SER A 92 29.08 11.61 -23.19
N LYS A 93 29.72 11.68 -24.35
CA LYS A 93 29.22 11.00 -25.54
C LYS A 93 29.27 9.49 -25.37
N ARG A 94 30.34 8.99 -24.75
CA ARG A 94 30.49 7.55 -24.56
C ARG A 94 29.42 7.03 -23.60
N LEU A 95 29.14 7.79 -22.54
CA LEU A 95 28.13 7.38 -21.58
C LEU A 95 26.77 7.30 -22.23
N SER A 96 26.44 8.29 -23.06
CA SER A 96 25.16 8.30 -23.75
C SER A 96 25.03 7.07 -24.63
N THR A 97 26.11 6.74 -25.34
CA THR A 97 26.15 5.58 -26.22
C THR A 97 25.91 4.29 -25.43
N ILE A 98 26.57 4.17 -24.28
CA ILE A 98 26.44 2.98 -23.44
C ILE A 98 25.02 2.82 -22.93
N LEU A 99 24.42 3.91 -22.47
CA LEU A 99 23.06 3.86 -21.95
C LEU A 99 22.08 3.45 -23.03
N THR A 100 22.26 3.98 -24.24
CA THR A 100 21.42 3.60 -25.36
C THR A 100 21.61 2.13 -25.69
N THR A 101 22.86 1.69 -25.68
CA THR A 101 23.18 0.31 -26.02
C THR A 101 22.54 -0.67 -25.03
N MET A 102 22.64 -0.38 -23.74
CA MET A 102 22.07 -1.27 -22.75
C MET A 102 20.56 -1.37 -22.89
N SER A 103 19.91 -0.25 -23.15
CA SER A 103 18.48 -0.25 -23.34
C SER A 103 18.09 -1.11 -24.54
N THR A 104 18.83 -0.96 -25.64
CA THR A 104 18.56 -1.72 -26.84
C THR A 104 18.72 -3.22 -26.61
N ILE A 105 19.79 -3.62 -25.93
CA ILE A 105 20.03 -5.03 -25.69
C ILE A 105 18.90 -5.65 -24.90
N TYR A 106 18.46 -4.94 -23.87
CA TYR A 106 17.36 -5.42 -23.05
C TYR A 106 16.07 -5.58 -23.87
N SER A 107 15.67 -4.53 -24.57
CA SER A 107 14.37 -4.54 -25.24
C SER A 107 14.29 -5.49 -26.42
N THR A 108 15.43 -5.81 -27.02
CA THR A 108 15.44 -6.70 -28.18
C THR A 108 15.88 -8.09 -27.80
N GLY A 109 15.97 -8.38 -26.50
CA GLY A 109 16.42 -9.67 -26.05
C GLY A 109 15.31 -10.68 -26.35
N LYS A 110 15.72 -11.92 -26.63
CA LYS A 110 14.83 -13.04 -26.84
C LYS A 110 15.49 -14.29 -26.35
N VAL A 111 14.71 -15.30 -25.97
CA VAL A 111 15.28 -16.58 -25.56
C VAL A 111 14.62 -17.73 -26.31
N CYS A 112 15.44 -18.65 -26.83
CA CYS A 112 14.98 -19.78 -27.61
C CYS A 112 15.03 -21.08 -26.81
N ASN A 113 14.09 -21.97 -27.09
CA ASN A 113 14.00 -23.26 -26.40
C ASN A 113 15.18 -24.16 -26.78
N PRO A 114 16.04 -24.53 -25.84
CA PRO A 114 17.27 -25.29 -26.06
C PRO A 114 17.00 -26.68 -26.58
N ASN A 115 15.76 -27.15 -26.40
CA ASN A 115 15.37 -28.47 -26.87
C ASN A 115 14.50 -28.38 -28.11
N ASN A 116 14.34 -27.17 -28.63
CA ASN A 116 13.50 -26.90 -29.79
C ASN A 116 13.76 -25.51 -30.33
N PRO A 117 14.88 -25.30 -31.04
CA PRO A 117 15.41 -24.02 -31.51
C PRO A 117 14.41 -23.25 -32.36
N GLN A 118 13.44 -23.95 -32.94
CA GLN A 118 12.44 -23.32 -33.81
C GLN A 118 11.36 -22.61 -32.99
N GLN A 119 11.33 -22.89 -31.70
CA GLN A 119 10.41 -22.24 -30.78
C GLN A 119 11.16 -21.19 -29.97
N CYS A 120 10.89 -19.91 -30.23
CA CYS A 120 11.64 -18.83 -29.60
C CYS A 120 10.70 -17.66 -29.31
N PHE A 121 10.90 -17.03 -28.15
CA PHE A 121 10.02 -15.96 -27.72
C PHE A 121 10.77 -14.67 -27.44
N THR A 122 10.12 -13.55 -27.71
CA THR A 122 10.65 -12.24 -27.37
C THR A 122 10.35 -11.93 -25.92
N LEU A 123 10.98 -10.91 -25.35
CA LEU A 123 10.77 -10.59 -23.94
C LEU A 123 9.29 -10.57 -23.58
N SER A 124 8.46 -9.96 -24.40
CA SER A 124 7.03 -9.90 -24.08
C SER A 124 6.43 -11.30 -23.94
N GLY A 125 6.88 -12.23 -24.78
CA GLY A 125 6.38 -13.59 -24.73
C GLY A 125 6.93 -14.32 -23.51
N LEU A 126 8.20 -14.06 -23.20
CA LEU A 126 8.85 -14.72 -22.09
C LEU A 126 8.22 -14.30 -20.77
N GLU A 127 7.87 -13.03 -20.67
CA GLU A 127 7.21 -12.54 -19.47
C GLU A 127 5.86 -13.21 -19.31
N ASP A 128 5.12 -13.35 -20.40
CA ASP A 128 3.81 -13.97 -20.33
C ASP A 128 3.90 -15.41 -19.82
N ILE A 129 4.95 -16.12 -20.25
CA ILE A 129 5.15 -17.49 -19.80
C ILE A 129 5.57 -17.54 -18.33
N MET A 130 6.52 -16.69 -17.95
CA MET A 130 7.02 -16.67 -16.57
C MET A 130 5.94 -16.25 -15.59
N GLU A 131 4.95 -15.52 -16.08
CA GLU A 131 3.86 -15.05 -15.25
C GLU A 131 2.66 -16.00 -15.25
N LYS A 132 2.75 -17.12 -15.96
CA LYS A 132 1.61 -18.01 -16.09
C LYS A 132 1.95 -19.49 -15.88
N SER A 133 3.02 -19.95 -16.52
CA SER A 133 3.35 -21.37 -16.57
C SER A 133 3.62 -21.96 -15.19
N LYS A 134 3.18 -23.21 -15.00
CA LYS A 134 3.45 -23.94 -13.77
C LYS A 134 4.41 -25.09 -14.00
N ASP A 135 5.06 -25.09 -15.17
CA ASP A 135 5.99 -26.15 -15.54
C ASP A 135 7.42 -25.83 -15.12
N TYR A 136 8.00 -26.70 -14.29
CA TYR A 136 9.32 -26.45 -13.74
C TYR A 136 10.38 -26.23 -14.83
N HIS A 137 10.41 -27.11 -15.82
CA HIS A 137 11.44 -27.02 -16.86
C HIS A 137 11.24 -25.83 -17.78
N GLN A 138 9.99 -25.53 -18.14
CA GLN A 138 9.75 -24.41 -19.03
C GLN A 138 10.24 -23.12 -18.39
N ARG A 139 9.91 -22.94 -17.11
CA ARG A 139 10.29 -21.75 -16.38
C ARG A 139 11.81 -21.67 -16.21
N LEU A 140 12.43 -22.82 -16.02
CA LEU A 140 13.87 -22.86 -15.77
C LEU A 140 14.70 -22.44 -16.97
N TRP A 141 14.41 -22.98 -18.16
CA TRP A 141 15.26 -22.59 -19.29
C TRP A 141 14.99 -21.16 -19.73
N ILE A 142 13.79 -20.65 -19.46
CA ILE A 142 13.52 -19.26 -19.73
C ILE A 142 14.27 -18.33 -18.79
N TRP A 143 14.24 -18.66 -17.50
CA TRP A 143 14.93 -17.86 -16.50
C TRP A 143 16.43 -17.83 -16.79
N GLU A 144 17.02 -19.01 -16.96
CA GLU A 144 18.44 -19.11 -17.25
C GLU A 144 18.76 -18.54 -18.62
N GLY A 145 17.86 -18.78 -19.57
CA GLY A 145 18.05 -18.29 -20.93
C GLY A 145 18.18 -16.78 -20.93
N TRP A 146 17.24 -16.10 -20.27
CA TRP A 146 17.26 -14.64 -20.22
C TRP A 146 18.58 -14.13 -19.66
N ARG A 147 19.07 -14.76 -18.60
CA ARG A 147 20.33 -14.36 -18.00
C ARG A 147 21.51 -14.60 -18.95
N SER A 148 21.42 -15.65 -19.76
CA SER A 148 22.51 -15.98 -20.68
C SER A 148 22.48 -15.10 -21.92
N GLU A 149 21.30 -14.83 -22.45
CA GLU A 149 21.16 -14.08 -23.69
C GLU A 149 21.28 -12.58 -23.49
N VAL A 150 20.78 -12.08 -22.37
CA VAL A 150 20.80 -10.64 -22.10
C VAL A 150 21.82 -10.27 -21.04
N GLY A 151 21.77 -10.97 -19.92
CA GLY A 151 22.64 -10.63 -18.79
C GLY A 151 24.12 -10.65 -19.18
N LYS A 152 24.50 -11.59 -20.04
CA LYS A 152 25.90 -11.73 -20.44
C LYS A 152 26.33 -10.67 -21.45
N GLN A 153 25.36 -9.98 -22.06
CA GLN A 153 25.70 -8.93 -23.01
C GLN A 153 25.83 -7.60 -22.30
N LEU A 154 25.08 -7.45 -21.21
CA LEU A 154 25.08 -6.21 -20.46
C LEU A 154 26.22 -6.15 -19.45
N ARG A 155 26.70 -7.31 -19.00
CA ARG A 155 27.78 -7.34 -18.03
C ARG A 155 28.90 -6.32 -18.31
N PRO A 156 29.61 -6.37 -19.46
CA PRO A 156 30.73 -5.50 -19.78
C PRO A 156 30.32 -4.04 -19.94
N LEU A 157 29.05 -3.82 -20.29
CA LEU A 157 28.57 -2.45 -20.45
C LEU A 157 28.26 -1.85 -19.10
N TYR A 158 27.78 -2.68 -18.18
CA TYR A 158 27.45 -2.20 -16.86
C TYR A 158 28.73 -1.81 -16.12
N GLU A 159 29.80 -2.56 -16.36
CA GLU A 159 31.08 -2.26 -15.72
C GLU A 159 31.61 -0.89 -16.13
N GLU A 160 31.54 -0.58 -17.43
CA GLU A 160 31.99 0.72 -17.91
C GLU A 160 31.04 1.83 -17.47
N TYR A 161 29.74 1.52 -17.48
CA TYR A 161 28.71 2.42 -17.02
C TYR A 161 28.95 2.87 -15.59
N VAL A 162 29.21 1.92 -14.70
CA VAL A 162 29.46 2.26 -13.31
C VAL A 162 30.64 3.19 -13.16
N ALA A 163 31.72 2.91 -13.87
CA ALA A 163 32.91 3.75 -13.79
C ALA A 163 32.62 5.18 -14.23
N LEU A 164 31.90 5.33 -15.34
CA LEU A 164 31.61 6.66 -15.87
C LEU A 164 30.65 7.44 -15.00
N LYS A 165 29.64 6.77 -14.45
CA LYS A 165 28.67 7.47 -13.64
C LYS A 165 29.29 7.95 -12.34
N ASN A 166 30.23 7.17 -11.81
CA ASN A 166 30.93 7.58 -10.60
C ASN A 166 31.75 8.84 -10.83
N GLU A 167 32.39 8.92 -12.00
CA GLU A 167 33.18 10.11 -12.33
C GLU A 167 32.27 11.32 -12.46
N MET A 168 31.11 11.12 -13.07
CA MET A 168 30.12 12.17 -13.22
C MET A 168 29.69 12.69 -11.86
N ALA A 169 29.40 11.77 -10.94
CA ALA A 169 28.97 12.14 -9.61
C ALA A 169 30.04 12.91 -8.85
N ARG A 170 31.29 12.48 -8.98
CA ARG A 170 32.39 13.17 -8.31
C ARG A 170 32.55 14.59 -8.83
N GLY A 171 32.29 14.78 -10.12
CA GLY A 171 32.39 16.08 -10.74
C GLY A 171 31.31 17.04 -10.21
N ASN A 172 30.35 16.50 -9.47
CA ASN A 172 29.28 17.28 -8.89
C ASN A 172 29.39 17.30 -7.36
N ASN A 173 30.58 16.98 -6.86
CA ASN A 173 30.89 16.94 -5.44
C ASN A 173 30.13 15.86 -4.66
N TYR A 174 29.94 14.70 -5.29
CA TYR A 174 29.39 13.52 -4.60
C TYR A 174 30.47 12.48 -4.42
N LYS A 175 30.31 11.61 -3.44
CA LYS A 175 31.30 10.55 -3.21
C LYS A 175 31.33 9.57 -4.38
N ASP A 176 30.15 9.23 -4.88
CA ASP A 176 29.99 8.28 -5.98
C ASP A 176 28.59 8.43 -6.58
N TYR A 177 28.28 7.64 -7.60
CA TYR A 177 26.96 7.73 -8.20
C TYR A 177 25.86 7.20 -7.31
N GLY A 178 26.19 6.28 -6.41
CA GLY A 178 25.20 5.79 -5.47
C GLY A 178 24.80 6.95 -4.58
N ASP A 179 25.81 7.75 -4.23
CA ASP A 179 25.64 8.94 -3.40
C ASP A 179 24.83 9.98 -4.15
N TYR A 180 25.06 10.09 -5.45
CA TYR A 180 24.28 10.98 -6.32
C TYR A 180 22.80 10.59 -6.27
N TRP A 181 22.52 9.30 -6.42
CA TRP A 181 21.12 8.81 -6.44
C TRP A 181 20.46 9.00 -5.08
N ARG A 182 21.25 9.05 -4.01
CA ARG A 182 20.71 9.22 -2.63
C ARG A 182 20.54 10.74 -2.41
N GLY A 183 20.93 11.54 -3.40
CA GLY A 183 20.79 13.00 -3.35
C GLY A 183 19.35 13.47 -3.26
N ASP A 184 18.40 12.81 -3.92
CA ASP A 184 17.02 13.35 -3.98
C ASP A 184 16.44 13.48 -2.57
N TYR A 185 16.68 12.51 -1.71
CA TYR A 185 16.23 12.58 -0.30
C TYR A 185 16.90 13.75 0.45
N GLU A 186 18.16 14.06 0.19
CA GLU A 186 18.87 15.05 1.04
C GLU A 186 18.19 16.41 1.07
N THR A 187 18.07 17.01 2.26
CA THR A 187 17.39 18.31 2.47
C THR A 187 18.19 19.11 3.48
N GLU A 188 18.03 20.44 3.53
CA GLU A 188 18.72 21.26 4.57
C GLU A 188 17.68 22.05 5.40
N GLY A 189 18.06 22.55 6.58
CA GLY A 189 17.14 23.39 7.33
C GLY A 189 17.43 23.31 8.81
N GLY A 190 16.66 24.04 9.62
CA GLY A 190 16.86 24.05 11.06
C GLY A 190 16.04 22.98 11.73
N ASP A 191 16.04 22.98 13.06
CA ASP A 191 15.30 22.00 13.82
C ASP A 191 15.70 20.60 13.35
N GLY A 192 14.75 19.68 13.34
CA GLY A 192 15.01 18.31 12.93
C GLY A 192 14.60 18.06 11.48
N TYR A 193 14.51 19.12 10.68
CA TYR A 193 14.01 18.98 9.32
C TYR A 193 15.10 18.78 8.26
N ASN A 194 16.35 18.55 8.69
CA ASN A 194 17.44 18.26 7.76
C ASN A 194 17.57 16.75 7.56
N TYR A 195 18.25 16.35 6.49
CA TYR A 195 18.40 14.94 6.15
C TYR A 195 19.64 14.71 5.32
N SER A 196 20.66 14.11 5.91
CA SER A 196 21.89 13.85 5.19
C SER A 196 21.71 12.66 4.27
N ARG A 197 22.50 12.60 3.21
CA ARG A 197 22.41 11.50 2.26
C ARG A 197 22.70 10.16 2.93
N ASN A 198 23.63 10.18 3.88
CA ASN A 198 24.03 8.98 4.58
C ASN A 198 22.87 8.42 5.41
N HIS A 199 21.92 9.29 5.74
CA HIS A 199 20.81 8.91 6.59
C HIS A 199 19.84 8.01 5.83
N LEU A 200 19.82 8.10 4.50
CA LEU A 200 18.92 7.28 3.73
C LEU A 200 19.31 5.82 3.89
N ILE A 201 20.60 5.56 3.96
CA ILE A 201 21.08 4.20 4.15
C ILE A 201 20.63 3.67 5.49
N GLU A 202 20.80 4.48 6.53
CA GLU A 202 20.42 4.05 7.87
C GLU A 202 18.92 3.77 7.94
N ASP A 203 18.11 4.60 7.28
CA ASP A 203 16.67 4.40 7.32
C ASP A 203 16.23 3.15 6.56
N VAL A 204 16.80 2.89 5.40
CA VAL A 204 16.35 1.72 4.65
C VAL A 204 16.86 0.44 5.29
N ASP A 205 18.03 0.48 5.91
CA ASP A 205 18.55 -0.69 6.60
C ASP A 205 17.74 -0.97 7.86
N ARG A 206 17.39 0.08 8.59
CA ARG A 206 16.59 -0.04 9.79
C ARG A 206 15.21 -0.56 9.47
N ILE A 207 14.60 0.00 8.42
CA ILE A 207 13.28 -0.44 8.01
C ILE A 207 13.27 -1.88 7.56
N PHE A 208 14.23 -2.28 6.74
CA PHE A 208 14.21 -3.66 6.29
C PHE A 208 14.18 -4.61 7.47
N LEU A 209 15.00 -4.36 8.48
CA LEU A 209 15.03 -5.23 9.64
C LEU A 209 13.68 -5.29 10.35
N GLU A 210 12.94 -4.17 10.33
CA GLU A 210 11.62 -4.14 10.95
C GLU A 210 10.60 -4.89 10.09
N ILE A 211 10.79 -4.87 8.78
CA ILE A 211 9.92 -5.57 7.82
C ILE A 211 10.19 -7.07 7.83
N LYS A 212 11.47 -7.42 7.90
CA LYS A 212 11.93 -8.79 7.74
C LYS A 212 11.06 -9.86 8.44
N PRO A 213 10.69 -9.71 9.73
CA PRO A 213 9.88 -10.66 10.47
C PRO A 213 8.58 -10.99 9.74
N LEU A 214 8.02 -10.00 9.03
CA LEU A 214 6.80 -10.21 8.27
C LEU A 214 7.11 -11.04 7.04
N TYR A 215 8.21 -10.71 6.39
CA TYR A 215 8.62 -11.38 5.18
C TYR A 215 8.98 -12.84 5.43
N GLU A 216 9.63 -13.12 6.56
CA GLU A 216 10.00 -14.49 6.88
C GLU A 216 8.77 -15.38 6.96
N GLN A 217 7.68 -14.83 7.46
CA GLN A 217 6.45 -15.59 7.57
C GLN A 217 5.87 -15.85 6.19
N LEU A 218 5.92 -14.83 5.34
CA LEU A 218 5.42 -14.96 3.98
C LEU A 218 6.27 -15.93 3.19
N HIS A 219 7.58 -15.84 3.39
CA HIS A 219 8.52 -16.66 2.67
C HIS A 219 8.37 -18.13 3.01
N ALA A 220 8.35 -18.45 4.31
CA ALA A 220 8.19 -19.84 4.74
C ALA A 220 6.88 -20.41 4.23
N TYR A 221 5.85 -19.59 4.22
CA TYR A 221 4.54 -20.00 3.73
C TYR A 221 4.56 -20.34 2.26
N VAL A 222 5.12 -19.45 1.44
CA VAL A 222 5.21 -19.69 0.01
C VAL A 222 6.05 -20.92 -0.25
N ARG A 223 7.13 -21.08 0.49
CA ARG A 223 7.98 -22.25 0.36
C ARG A 223 7.17 -23.52 0.53
N ALA A 224 6.40 -23.59 1.60
CA ALA A 224 5.59 -24.77 1.88
C ALA A 224 4.63 -25.08 0.75
N LYS A 225 4.07 -24.03 0.14
CA LYS A 225 3.12 -24.21 -0.95
C LYS A 225 3.80 -24.68 -2.23
N LEU A 226 4.95 -24.09 -2.54
CA LEU A 226 5.66 -24.46 -3.75
C LEU A 226 6.23 -25.87 -3.65
N MET A 227 6.49 -26.33 -2.43
CA MET A 227 6.98 -27.70 -2.25
C MET A 227 6.01 -28.73 -2.79
N ASN A 228 4.72 -28.41 -2.77
CA ASN A 228 3.71 -29.34 -3.28
C ASN A 228 3.53 -29.15 -4.77
N ALA A 229 3.61 -27.90 -5.21
CA ALA A 229 3.47 -27.57 -6.62
C ALA A 229 4.63 -28.16 -7.43
N TYR A 230 5.81 -28.18 -6.81
CA TYR A 230 7.01 -28.69 -7.46
C TYR A 230 7.75 -29.70 -6.57
N PRO A 231 7.23 -30.93 -6.46
CA PRO A 231 7.64 -31.96 -5.53
C PRO A 231 9.12 -32.27 -5.65
N SER A 232 9.79 -32.40 -4.52
CA SER A 232 11.21 -32.76 -4.46
C SER A 232 12.13 -31.71 -5.08
N ARG A 233 11.60 -30.52 -5.37
CA ARG A 233 12.43 -29.45 -5.90
C ARG A 233 12.87 -28.46 -4.82
N ILE A 234 12.10 -28.39 -3.74
CA ILE A 234 12.34 -27.42 -2.70
C ILE A 234 12.62 -28.06 -1.34
N SER A 235 13.70 -27.62 -0.70
CA SER A 235 14.06 -28.06 0.63
C SER A 235 13.23 -27.30 1.68
N PRO A 236 12.67 -28.01 2.68
CA PRO A 236 11.73 -27.51 3.68
C PRO A 236 12.26 -26.36 4.52
N THR A 237 13.58 -26.27 4.65
CA THR A 237 14.19 -25.21 5.43
C THR A 237 15.14 -24.37 4.60
N GLY A 238 15.04 -24.46 3.28
CA GLY A 238 15.97 -23.77 2.40
C GLY A 238 15.35 -22.55 1.72
N CYS A 239 15.99 -22.10 0.65
CA CYS A 239 15.58 -20.93 -0.11
C CYS A 239 14.69 -21.32 -1.28
N LEU A 240 13.92 -20.38 -1.79
CA LEU A 240 13.08 -20.64 -2.94
C LEU A 240 13.93 -20.59 -4.20
N PRO A 241 13.68 -21.48 -5.18
CA PRO A 241 14.20 -21.42 -6.53
C PRO A 241 13.81 -20.10 -7.19
N ALA A 242 14.79 -19.41 -7.75
CA ALA A 242 14.56 -18.10 -8.34
C ALA A 242 13.53 -18.11 -9.46
N HIS A 243 13.45 -19.20 -10.21
CA HIS A 243 12.61 -19.22 -11.39
C HIS A 243 11.15 -19.53 -11.10
N LEU A 244 10.84 -19.90 -9.87
CA LEU A 244 9.48 -20.28 -9.50
C LEU A 244 8.81 -19.19 -8.66
N LEU A 245 9.21 -17.95 -8.87
CA LEU A 245 8.74 -16.84 -8.03
C LEU A 245 7.67 -15.97 -8.66
N GLY A 246 7.10 -16.38 -9.78
CA GLY A 246 5.98 -15.64 -10.37
C GLY A 246 6.36 -14.74 -11.55
N ASP A 247 7.64 -14.45 -11.73
CA ASP A 247 8.04 -13.64 -12.88
C ASP A 247 9.51 -13.81 -13.22
N MET A 248 9.97 -13.04 -14.21
CA MET A 248 11.31 -13.16 -14.75
C MET A 248 12.41 -12.82 -13.74
N TRP A 249 12.09 -12.02 -12.72
CA TRP A 249 13.13 -11.56 -11.82
C TRP A 249 12.87 -11.91 -10.36
N GLY A 250 11.63 -12.30 -10.07
CA GLY A 250 11.23 -12.55 -8.70
C GLY A 250 10.94 -11.23 -8.00
N ARG A 251 10.49 -10.25 -8.77
CA ARG A 251 10.21 -8.92 -8.25
C ARG A 251 8.87 -8.88 -7.55
N PHE A 252 7.85 -9.46 -8.19
CA PHE A 252 6.52 -9.53 -7.61
C PHE A 252 6.09 -10.98 -7.53
N TRP A 253 5.56 -11.37 -6.39
CA TRP A 253 5.13 -12.74 -6.21
C TRP A 253 3.65 -12.89 -6.51
N THR A 254 3.05 -11.83 -7.03
CA THR A 254 1.61 -11.79 -7.30
C THR A 254 1.13 -13.01 -8.05
N ASN A 255 1.91 -13.45 -9.03
CA ASN A 255 1.48 -14.53 -9.91
C ASN A 255 1.62 -15.90 -9.26
N LEU A 256 2.13 -15.92 -8.04
CA LEU A 256 2.20 -17.17 -7.29
C LEU A 256 0.89 -17.40 -6.59
N TYR A 257 0.04 -16.37 -6.55
CA TYR A 257 -1.22 -16.44 -5.83
C TYR A 257 -2.00 -17.73 -6.13
N ASN A 258 -2.05 -18.11 -7.41
CA ASN A 258 -2.77 -19.33 -7.83
C ASN A 258 -2.25 -20.58 -7.17
N LEU A 259 -0.95 -20.61 -6.82
CA LEU A 259 -0.30 -21.73 -6.16
C LEU A 259 -0.31 -21.58 -4.65
N THR A 260 -0.28 -20.34 -4.19
CA THR A 260 -0.11 -20.06 -2.77
C THR A 260 -1.39 -19.59 -2.09
N VAL A 261 -2.48 -19.49 -2.84
CA VAL A 261 -3.74 -19.03 -2.27
C VAL A 261 -4.11 -19.86 -1.04
N PRO A 262 -4.21 -19.23 0.14
CA PRO A 262 -4.61 -19.82 1.41
C PRO A 262 -5.86 -20.66 1.30
N PHE A 263 -6.92 -20.07 0.76
CA PHE A 263 -8.20 -20.76 0.68
C PHE A 263 -8.75 -20.73 -0.74
N GLU A 264 -8.34 -21.70 -1.54
CA GLU A 264 -8.63 -21.70 -2.98
C GLU A 264 -10.11 -21.60 -3.31
N LYS A 265 -10.95 -22.23 -2.50
CA LYS A 265 -12.39 -22.23 -2.75
C LYS A 265 -12.99 -20.83 -2.69
N LYS A 266 -12.31 -19.93 -1.99
CA LYS A 266 -12.83 -18.59 -1.78
C LYS A 266 -12.31 -17.63 -2.83
N GLN A 267 -13.22 -16.92 -3.47
CA GLN A 267 -12.83 -15.96 -4.49
C GLN A 267 -12.64 -14.60 -3.87
N ASN A 268 -11.80 -13.78 -4.48
CA ASN A 268 -11.61 -12.43 -4.00
C ASN A 268 -12.74 -11.55 -4.49
N ILE A 269 -12.73 -10.29 -4.09
CA ILE A 269 -13.76 -9.39 -4.53
C ILE A 269 -13.46 -8.89 -5.93
N ASP A 270 -14.40 -9.12 -6.82
CA ASP A 270 -14.27 -8.70 -8.21
C ASP A 270 -15.61 -8.20 -8.70
N VAL A 271 -15.69 -6.92 -8.98
CA VAL A 271 -16.95 -6.29 -9.33
C VAL A 271 -17.04 -6.04 -10.83
N THR A 272 -16.11 -6.63 -11.59
CA THR A 272 -16.11 -6.46 -13.04
C THR A 272 -17.47 -6.81 -13.63
N ASP A 273 -18.04 -7.92 -13.17
CA ASP A 273 -19.33 -8.36 -13.67
C ASP A 273 -20.43 -7.36 -13.34
N THR A 274 -20.33 -6.73 -12.17
CA THR A 274 -21.32 -5.74 -11.76
C THR A 274 -21.19 -4.47 -12.57
N MET A 275 -19.97 -4.02 -12.81
CA MET A 275 -19.76 -2.82 -13.59
C MET A 275 -20.34 -2.98 -14.99
N LYS A 276 -20.17 -4.17 -15.56
CA LYS A 276 -20.72 -4.42 -16.88
C LYS A 276 -22.24 -4.48 -16.85
N LYS A 277 -22.80 -5.14 -15.83
CA LYS A 277 -24.27 -5.26 -15.71
C LYS A 277 -24.89 -3.86 -15.57
N GLN A 278 -24.21 -2.98 -14.84
CA GLN A 278 -24.72 -1.62 -14.59
C GLN A 278 -24.34 -0.66 -15.71
N SER A 279 -23.76 -1.19 -16.78
CA SER A 279 -23.36 -0.41 -17.95
C SER A 279 -22.43 0.76 -17.63
N TRP A 280 -21.35 0.49 -16.91
CA TRP A 280 -20.33 1.50 -16.67
C TRP A 280 -19.46 1.68 -17.91
N ASP A 281 -18.87 2.86 -18.04
CA ASP A 281 -17.94 3.14 -19.12
C ASP A 281 -16.75 3.96 -18.62
N ALA A 282 -15.84 4.33 -19.53
CA ALA A 282 -14.63 5.03 -19.14
C ALA A 282 -14.90 6.35 -18.45
N GLU A 283 -15.92 7.06 -18.90
CA GLU A 283 -16.20 8.37 -18.34
C GLU A 283 -16.78 8.23 -16.94
N LYS A 284 -17.71 7.29 -16.76
CA LYS A 284 -18.31 7.10 -15.45
C LYS A 284 -17.27 6.71 -14.42
N ILE A 285 -16.31 5.88 -14.83
CA ILE A 285 -15.27 5.42 -13.93
C ILE A 285 -14.44 6.59 -13.41
N PHE A 286 -14.02 7.46 -14.32
CA PHE A 286 -13.24 8.64 -13.91
C PHE A 286 -14.08 9.64 -13.14
N LYS A 287 -15.36 9.73 -13.46
CA LYS A 287 -16.24 10.63 -12.72
C LYS A 287 -16.39 10.18 -11.27
N GLU A 288 -16.45 8.86 -11.07
CA GLU A 288 -16.52 8.33 -9.70
C GLU A 288 -15.21 8.56 -8.97
N ALA A 289 -14.10 8.47 -9.70
CA ALA A 289 -12.81 8.75 -9.09
C ALA A 289 -12.75 10.20 -8.61
N GLU A 290 -13.31 11.11 -9.41
CA GLU A 290 -13.35 12.51 -9.04
C GLU A 290 -14.16 12.71 -7.77
N LYS A 291 -15.33 12.05 -7.70
CA LYS A 291 -16.19 12.17 -6.52
C LYS A 291 -15.44 11.77 -5.26
N PHE A 292 -14.65 10.72 -5.37
CA PHE A 292 -13.85 10.24 -4.25
C PHE A 292 -12.94 11.35 -3.71
N TYR A 293 -12.21 11.99 -4.60
CA TYR A 293 -11.28 13.04 -4.19
C TYR A 293 -12.01 14.27 -3.68
N LEU A 294 -13.13 14.60 -4.28
CA LEU A 294 -13.89 15.76 -3.86
C LEU A 294 -14.44 15.57 -2.45
N SER A 295 -14.76 14.33 -2.09
CA SER A 295 -15.36 14.06 -0.78
C SER A 295 -14.40 14.34 0.35
N VAL A 296 -13.11 14.49 0.05
CA VAL A 296 -12.14 14.76 1.10
C VAL A 296 -11.62 16.20 1.00
N GLY A 297 -12.31 17.02 0.21
CA GLY A 297 -12.00 18.45 0.17
C GLY A 297 -10.95 18.84 -0.87
N LEU A 298 -10.68 17.98 -1.84
CA LEU A 298 -9.71 18.32 -2.88
C LEU A 298 -10.41 18.96 -4.08
N HIS A 299 -9.63 19.37 -5.06
CA HIS A 299 -10.12 20.18 -6.17
C HIS A 299 -10.85 19.42 -7.26
N ASN A 300 -11.65 20.18 -8.03
CA ASN A 300 -12.35 19.74 -9.22
C ASN A 300 -11.35 19.36 -10.32
N MET A 301 -11.75 18.47 -11.23
CA MET A 301 -11.01 18.27 -12.47
C MET A 301 -11.41 19.37 -13.45
N THR A 302 -10.43 20.00 -14.06
CA THR A 302 -10.69 21.14 -14.91
C THR A 302 -11.53 20.74 -16.11
N PRO A 303 -12.32 21.66 -16.67
CA PRO A 303 -13.05 21.51 -17.92
C PRO A 303 -12.12 21.02 -19.02
N GLU A 304 -10.89 21.52 -19.00
CA GLU A 304 -9.87 21.12 -19.96
C GLU A 304 -9.49 19.66 -19.77
N PHE A 305 -9.51 19.17 -18.53
CA PHE A 305 -9.18 17.78 -18.25
C PHE A 305 -10.16 16.86 -18.95
N TRP A 306 -11.45 17.10 -18.73
CA TRP A 306 -12.46 16.20 -19.28
C TRP A 306 -12.48 16.24 -20.82
N ASN A 307 -12.18 17.41 -21.41
CA ASN A 307 -12.18 17.64 -22.85
C ASN A 307 -10.95 17.04 -23.55
N ASN A 308 -9.77 17.32 -23.00
CA ASN A 308 -8.49 16.91 -23.62
C ASN A 308 -8.07 15.49 -23.31
N SER A 309 -8.48 14.95 -22.16
CA SER A 309 -8.02 13.63 -21.74
C SER A 309 -8.47 12.53 -22.71
N MET A 310 -7.68 11.46 -22.79
CA MET A 310 -8.01 10.30 -23.60
C MET A 310 -8.36 9.13 -22.69
N LEU A 311 -9.64 8.95 -22.43
CA LEU A 311 -10.06 7.96 -21.45
C LEU A 311 -10.49 6.65 -22.11
N THR A 312 -10.55 6.66 -23.44
CA THR A 312 -10.92 5.47 -24.19
C THR A 312 -9.93 5.19 -25.30
N GLU A 313 -9.82 3.92 -25.70
CA GLU A 313 -9.00 3.57 -26.85
C GLU A 313 -9.70 4.07 -28.12
N PRO A 314 -9.01 4.85 -28.96
CA PRO A 314 -9.53 5.39 -30.21
C PRO A 314 -10.02 4.31 -31.15
N SER A 315 -11.13 4.60 -31.83
CA SER A 315 -11.68 3.69 -32.83
C SER A 315 -11.52 4.29 -34.21
N ASP A 316 -10.70 5.35 -34.29
CA ASP A 316 -10.51 6.11 -35.51
C ASP A 316 -9.30 5.65 -36.31
N GLY A 317 -8.70 4.55 -35.88
CA GLY A 317 -7.54 4.00 -36.57
C GLY A 317 -6.23 4.51 -35.99
N ARG A 318 -6.33 5.48 -35.08
CA ARG A 318 -5.15 6.05 -34.45
C ARG A 318 -4.48 5.02 -33.55
N GLN A 319 -3.16 4.94 -33.66
CA GLN A 319 -2.39 4.04 -32.81
C GLN A 319 -1.91 4.78 -31.59
N VAL A 320 -2.12 4.19 -30.42
CA VAL A 320 -1.74 4.82 -29.17
C VAL A 320 -1.01 3.85 -28.26
N VAL A 321 -0.39 4.41 -27.23
CA VAL A 321 0.13 3.59 -26.15
C VAL A 321 -0.82 3.69 -24.96
N CYS A 322 -1.50 2.58 -24.65
CA CYS A 322 -2.60 2.55 -23.71
C CYS A 322 -2.17 2.62 -22.25
N HIS A 323 -0.87 2.39 -22.02
CA HIS A 323 -0.35 2.43 -20.66
C HIS A 323 -0.83 3.70 -19.98
N PRO A 324 -1.49 3.59 -18.83
CA PRO A 324 -2.10 4.66 -18.07
C PRO A 324 -1.06 5.62 -17.49
N THR A 325 -1.14 6.89 -17.87
CA THR A 325 -0.26 7.90 -17.30
C THR A 325 -1.00 9.20 -17.00
N ALA A 326 -0.57 9.89 -15.95
CA ALA A 326 -1.12 11.19 -15.60
C ALA A 326 -0.21 12.30 -16.12
N TRP A 327 -0.82 13.36 -16.64
CA TRP A 327 -0.06 14.46 -17.22
C TRP A 327 -0.32 15.81 -16.57
N ASP A 328 0.74 16.60 -16.48
CA ASP A 328 0.67 18.01 -16.11
C ASP A 328 1.45 18.80 -17.13
N LEU A 329 0.75 19.55 -17.96
CA LEU A 329 1.37 20.18 -19.11
C LEU A 329 1.77 21.61 -18.80
N GLY A 330 1.42 22.08 -17.60
CA GLY A 330 1.65 23.47 -17.23
C GLY A 330 0.45 24.32 -17.65
N LYS A 331 0.46 25.59 -17.27
CA LYS A 331 -0.63 26.51 -17.59
C LYS A 331 -2.00 25.94 -17.20
N ASN A 332 -2.06 25.28 -16.06
CA ASN A 332 -3.30 24.71 -15.55
C ASN A 332 -3.94 23.74 -16.53
N ASP A 333 -3.12 23.01 -17.29
CA ASP A 333 -3.62 22.05 -18.25
C ASP A 333 -3.30 20.62 -17.80
N PHE A 334 -4.32 19.92 -17.32
CA PHE A 334 -4.13 18.58 -16.77
C PHE A 334 -4.85 17.54 -17.61
N ARG A 335 -4.23 16.39 -17.79
CA ARG A 335 -4.82 15.33 -18.62
C ARG A 335 -4.44 13.94 -18.14
N ILE A 336 -5.27 12.96 -18.46
CA ILE A 336 -4.92 11.56 -18.29
C ILE A 336 -5.06 10.78 -19.59
N LYS A 337 -4.07 9.94 -19.87
CA LYS A 337 -4.09 9.07 -21.03
C LYS A 337 -4.23 7.62 -20.60
N MET A 338 -5.39 7.04 -20.84
CA MET A 338 -5.65 5.68 -20.38
C MET A 338 -6.76 4.99 -21.16
N CYS A 339 -6.46 3.87 -21.82
CA CYS A 339 -7.46 3.10 -22.56
C CYS A 339 -8.32 2.31 -21.60
N THR A 340 -9.28 2.98 -20.98
CA THR A 340 -10.04 2.39 -19.89
C THR A 340 -11.05 1.38 -20.41
N LYS A 341 -11.07 0.21 -19.78
CA LYS A 341 -12.07 -0.81 -20.04
C LYS A 341 -12.95 -0.91 -18.80
N VAL A 342 -14.11 -1.53 -18.94
CA VAL A 342 -14.98 -1.67 -17.78
C VAL A 342 -14.60 -2.86 -16.91
N THR A 343 -13.57 -2.67 -16.10
CA THR A 343 -13.06 -3.71 -15.22
C THR A 343 -12.74 -3.13 -13.85
N MET A 344 -12.61 -4.00 -12.85
CA MET A 344 -12.21 -3.53 -11.53
C MET A 344 -10.77 -3.04 -11.55
N ASP A 345 -9.93 -3.67 -12.37
CA ASP A 345 -8.53 -3.29 -12.44
C ASP A 345 -8.39 -1.86 -12.96
N ASP A 346 -9.16 -1.52 -13.99
CA ASP A 346 -9.10 -0.17 -14.54
C ASP A 346 -9.84 0.81 -13.64
N PHE A 347 -10.86 0.34 -12.93
CA PHE A 347 -11.54 1.18 -11.97
C PHE A 347 -10.55 1.72 -10.95
N LEU A 348 -9.75 0.82 -10.38
CA LEU A 348 -8.78 1.21 -9.38
C LEU A 348 -7.66 2.03 -10.00
N THR A 349 -7.28 1.71 -11.23
CA THR A 349 -6.24 2.47 -11.92
C THR A 349 -6.67 3.92 -12.13
N ALA A 350 -7.93 4.11 -12.52
CA ALA A 350 -8.46 5.45 -12.72
C ALA A 350 -8.30 6.28 -11.45
N HIS A 351 -8.54 5.66 -10.29
CA HIS A 351 -8.32 6.34 -9.03
C HIS A 351 -6.84 6.64 -8.83
N HIS A 352 -6.00 5.68 -9.19
CA HIS A 352 -4.57 5.84 -9.04
C HIS A 352 -4.05 7.05 -9.81
N GLU A 353 -4.37 7.11 -11.10
CA GLU A 353 -3.85 8.15 -11.96
C GLU A 353 -4.42 9.51 -11.62
N MET A 354 -5.68 9.55 -11.22
CA MET A 354 -6.26 10.83 -10.82
C MET A 354 -5.61 11.35 -9.56
N GLY A 355 -5.11 10.45 -8.71
CA GLY A 355 -4.39 10.85 -7.52
C GLY A 355 -3.14 11.64 -7.88
N HIS A 356 -2.51 11.26 -8.99
CA HIS A 356 -1.32 11.97 -9.47
C HIS A 356 -1.69 13.36 -9.95
N ILE A 357 -2.84 13.48 -10.61
CA ILE A 357 -3.30 14.79 -11.07
C ILE A 357 -3.57 15.69 -9.88
N GLN A 358 -4.21 15.15 -8.83
CA GLN A 358 -4.51 15.94 -7.65
C GLN A 358 -3.24 16.49 -7.00
N TYR A 359 -2.19 15.69 -6.99
CA TYR A 359 -0.93 16.14 -6.42
C TYR A 359 -0.30 17.21 -7.31
N ASP A 360 -0.32 16.99 -8.62
CA ASP A 360 0.23 17.95 -9.58
C ASP A 360 -0.51 19.28 -9.48
N MET A 361 -1.82 19.23 -9.25
CA MET A 361 -2.59 20.45 -9.10
C MET A 361 -2.24 21.15 -7.81
N ALA A 362 -2.02 20.39 -6.75
CA ALA A 362 -1.80 20.95 -5.43
C ALA A 362 -0.63 21.91 -5.41
N TYR A 363 0.43 21.60 -6.13
CA TYR A 363 1.60 22.47 -6.12
C TYR A 363 1.74 23.27 -7.40
N ALA A 364 0.64 23.40 -8.15
CA ALA A 364 0.66 24.14 -9.41
C ALA A 364 1.06 25.59 -9.18
N LYS A 365 0.74 26.13 -8.02
CA LYS A 365 1.04 27.52 -7.69
C LYS A 365 2.53 27.76 -7.44
N GLN A 366 3.29 26.68 -7.26
CA GLN A 366 4.71 26.78 -6.92
C GLN A 366 5.52 27.17 -8.15
N PRO A 367 6.73 27.74 -7.95
CA PRO A 367 7.73 28.04 -8.97
C PRO A 367 8.00 26.80 -9.80
N TYR A 368 8.18 26.99 -11.10
CA TYR A 368 8.31 25.88 -12.04
C TYR A 368 9.25 24.77 -11.56
N LEU A 369 10.43 25.15 -11.09
CA LEU A 369 11.44 24.16 -10.73
C LEU A 369 11.04 23.35 -9.52
N LEU A 370 10.12 23.88 -8.73
CA LEU A 370 9.68 23.25 -7.50
C LEU A 370 8.37 22.50 -7.70
N ARG A 371 7.88 22.48 -8.93
CA ARG A 371 6.63 21.82 -9.24
C ARG A 371 6.84 20.33 -9.42
N ASN A 372 7.13 19.66 -8.31
CA ASN A 372 7.34 18.23 -8.31
C ASN A 372 6.94 17.67 -6.95
N GLY A 373 7.07 16.36 -6.78
CA GLY A 373 6.75 15.75 -5.50
C GLY A 373 7.88 16.03 -4.52
N ALA A 374 7.59 15.91 -3.23
CA ALA A 374 8.61 16.16 -2.22
C ALA A 374 9.81 15.28 -2.46
N ASN A 375 9.56 14.07 -2.96
CA ASN A 375 10.61 13.14 -3.36
C ASN A 375 10.12 12.29 -4.52
N GLU A 376 10.99 11.43 -5.01
CA GLU A 376 10.66 10.54 -6.11
C GLU A 376 9.54 9.57 -5.77
N GLY A 377 9.42 9.21 -4.49
CA GLY A 377 8.44 8.23 -4.07
C GLY A 377 7.12 8.82 -3.59
N PHE A 378 7.02 10.15 -3.55
CA PHE A 378 5.80 10.78 -3.04
C PHE A 378 4.64 10.67 -4.01
N HIS A 379 4.92 10.79 -5.30
CA HIS A 379 3.83 10.75 -6.28
C HIS A 379 3.14 9.41 -6.32
N GLU A 380 3.93 8.34 -6.42
CA GLU A 380 3.33 7.03 -6.50
C GLU A 380 2.73 6.63 -5.14
N ALA A 381 3.33 7.12 -4.04
CA ALA A 381 2.77 6.83 -2.73
C ALA A 381 1.38 7.42 -2.60
N VAL A 382 1.19 8.64 -3.10
CA VAL A 382 -0.12 9.27 -3.07
C VAL A 382 -1.11 8.49 -3.93
N GLY A 383 -0.67 8.07 -5.11
CA GLY A 383 -1.52 7.28 -5.99
C GLY A 383 -1.95 5.97 -5.33
N GLU A 384 -1.00 5.24 -4.76
CA GLU A 384 -1.28 3.92 -4.21
C GLU A 384 -2.25 3.96 -3.04
N ILE A 385 -2.13 4.97 -2.17
CA ILE A 385 -3.02 5.01 -1.02
C ILE A 385 -4.46 5.25 -1.43
N MET A 386 -4.64 5.98 -2.53
CA MET A 386 -5.97 6.22 -3.04
C MET A 386 -6.56 4.93 -3.63
N SER A 387 -5.69 4.09 -4.18
CA SER A 387 -6.13 2.81 -4.72
C SER A 387 -6.49 1.84 -3.59
N LEU A 388 -5.71 1.87 -2.51
CA LEU A 388 -5.98 1.00 -1.38
C LEU A 388 -7.34 1.30 -0.79
N SER A 389 -7.67 2.58 -0.70
CA SER A 389 -8.95 3.01 -0.18
C SER A 389 -10.09 2.63 -1.13
N ALA A 390 -9.89 2.88 -2.41
CA ALA A 390 -10.92 2.61 -3.42
C ALA A 390 -11.26 1.13 -3.48
N ALA A 391 -10.28 0.27 -3.20
CA ALA A 391 -10.46 -1.17 -3.32
C ALA A 391 -11.14 -1.82 -2.12
N THR A 392 -11.41 -1.07 -1.06
CA THR A 392 -11.97 -1.72 0.13
C THR A 392 -13.39 -2.19 -0.16
N PRO A 393 -13.83 -3.25 0.53
CA PRO A 393 -15.20 -3.74 0.57
C PRO A 393 -16.18 -2.64 0.92
N LYS A 394 -15.77 -1.73 1.82
CA LYS A 394 -16.66 -0.66 2.23
C LYS A 394 -16.94 0.32 1.10
N HIS A 395 -15.89 0.74 0.41
CA HIS A 395 -16.06 1.70 -0.68
C HIS A 395 -16.88 1.08 -1.80
N LEU A 396 -16.61 -0.18 -2.11
CA LEU A 396 -17.30 -0.87 -3.18
C LEU A 396 -18.78 -1.03 -2.87
N LYS A 397 -19.10 -1.28 -1.60
CA LYS A 397 -20.50 -1.38 -1.20
C LYS A 397 -21.24 -0.05 -1.36
N ASP A 398 -20.58 1.03 -0.96
CA ASP A 398 -21.19 2.36 -1.03
C ASP A 398 -21.39 2.82 -2.47
N LEU A 399 -20.56 2.34 -3.37
CA LEU A 399 -20.70 2.67 -4.79
C LEU A 399 -21.76 1.84 -5.47
N GLY A 400 -22.26 0.81 -4.79
CA GLY A 400 -23.23 -0.10 -5.38
C GLY A 400 -22.55 -1.15 -6.26
N LEU A 401 -21.24 -1.32 -6.11
CA LEU A 401 -20.51 -2.31 -6.90
C LEU A 401 -20.46 -3.65 -6.20
N LEU A 402 -20.41 -3.62 -4.88
CA LEU A 402 -20.37 -4.85 -4.10
C LEU A 402 -21.68 -4.99 -3.32
N ALA A 403 -22.29 -6.17 -3.39
CA ALA A 403 -23.56 -6.39 -2.73
C ALA A 403 -23.50 -5.90 -1.30
N GLN A 404 -24.51 -5.16 -0.88
CA GLN A 404 -24.54 -4.57 0.45
C GLN A 404 -24.46 -5.62 1.53
N ASN A 405 -25.06 -6.78 1.27
CA ASN A 405 -25.09 -7.86 2.25
C ASN A 405 -23.95 -8.84 2.07
N TYR A 406 -22.96 -8.47 1.26
CA TYR A 406 -21.81 -9.34 1.06
C TYR A 406 -21.16 -9.61 2.42
N PRO A 407 -20.96 -10.88 2.78
CA PRO A 407 -20.49 -11.34 4.07
C PRO A 407 -19.05 -10.98 4.33
N GLU A 408 -18.69 -10.87 5.61
CA GLU A 408 -17.32 -10.61 6.02
C GLU A 408 -16.56 -11.91 6.20
N ASP A 409 -16.02 -12.44 5.11
CA ASP A 409 -15.34 -13.72 5.14
C ASP A 409 -13.87 -13.53 5.47
N TYR A 410 -13.45 -14.08 6.60
CA TYR A 410 -12.09 -13.90 7.08
C TYR A 410 -11.11 -14.65 6.21
N GLU A 411 -11.56 -15.73 5.60
CA GLU A 411 -10.72 -16.47 4.66
C GLU A 411 -10.43 -15.63 3.44
N THR A 412 -11.42 -14.84 3.02
CA THR A 412 -11.26 -13.96 1.87
C THR A 412 -10.27 -12.85 2.21
N GLU A 413 -10.38 -12.31 3.42
CA GLU A 413 -9.46 -11.26 3.84
C GLU A 413 -8.03 -11.78 3.92
N ILE A 414 -7.87 -13.04 4.34
CA ILE A 414 -6.55 -13.65 4.32
C ILE A 414 -6.04 -13.79 2.90
N ASN A 415 -6.90 -14.22 1.98
CA ASN A 415 -6.51 -14.30 0.57
C ASN A 415 -6.14 -12.94 0.03
N PHE A 416 -6.90 -11.92 0.41
CA PHE A 416 -6.65 -10.54 -0.02
C PHE A 416 -5.31 -10.05 0.48
N LEU A 417 -5.08 -10.20 1.78
CA LEU A 417 -3.83 -9.76 2.39
C LEU A 417 -2.67 -10.54 1.83
N LEU A 418 -2.89 -11.83 1.58
CA LEU A 418 -1.83 -12.67 1.04
C LEU A 418 -1.47 -12.16 -0.36
N LYS A 419 -2.47 -11.93 -1.19
CA LYS A 419 -2.21 -11.41 -2.53
C LYS A 419 -1.49 -10.08 -2.47
N GLN A 420 -1.94 -9.22 -1.55
CA GLN A 420 -1.31 -7.92 -1.36
C GLN A 420 0.10 -8.07 -0.83
N ALA A 421 0.32 -9.07 0.01
CA ALA A 421 1.63 -9.31 0.59
C ALA A 421 2.60 -9.78 -0.47
N LEU A 422 2.12 -10.62 -1.37
CA LEU A 422 2.96 -11.13 -2.44
C LEU A 422 3.45 -9.98 -3.32
N ASN A 423 2.57 -9.00 -3.53
CA ASN A 423 2.88 -7.83 -4.36
C ASN A 423 3.67 -6.75 -3.61
N ILE A 424 3.31 -6.50 -2.36
CA ILE A 424 3.84 -5.38 -1.59
C ILE A 424 4.98 -5.77 -0.66
N VAL A 425 4.86 -6.90 0.00
CA VAL A 425 5.87 -7.32 0.96
C VAL A 425 6.97 -8.09 0.25
N GLY A 426 6.57 -9.01 -0.61
CA GLY A 426 7.53 -9.85 -1.33
C GLY A 426 8.52 -9.01 -2.13
N THR A 427 8.06 -7.88 -2.64
CA THR A 427 8.90 -7.00 -3.43
C THR A 427 9.88 -6.17 -2.59
N LEU A 428 9.57 -6.00 -1.30
CA LEU A 428 10.42 -5.13 -0.48
C LEU A 428 11.85 -5.62 -0.29
N PRO A 429 12.08 -6.88 0.09
CA PRO A 429 13.38 -7.52 0.14
C PRO A 429 14.08 -7.44 -1.20
N PHE A 430 13.32 -7.59 -2.28
CA PHE A 430 13.90 -7.52 -3.62
C PHE A 430 14.44 -6.13 -3.90
N THR A 431 13.60 -5.12 -3.66
CA THR A 431 13.96 -3.75 -3.92
C THR A 431 15.10 -3.31 -3.01
N TYR A 432 14.96 -3.61 -1.73
CA TYR A 432 15.99 -3.29 -0.76
C TYR A 432 17.30 -3.96 -1.12
N MET A 433 17.25 -5.25 -1.38
CA MET A 433 18.44 -6.01 -1.71
C MET A 433 19.10 -5.51 -2.98
N LEU A 434 18.27 -5.18 -3.97
CA LEU A 434 18.79 -4.73 -5.25
C LEU A 434 19.52 -3.41 -5.10
N GLU A 435 18.89 -2.47 -4.38
CA GLU A 435 19.51 -1.17 -4.17
C GLU A 435 20.71 -1.29 -3.27
N LYS A 436 20.62 -2.14 -2.25
CA LYS A 436 21.76 -2.33 -1.38
C LYS A 436 22.93 -2.79 -2.23
N TRP A 437 22.69 -3.75 -3.12
CA TRP A 437 23.75 -4.24 -4.00
C TRP A 437 24.29 -3.15 -4.92
N ARG A 438 23.41 -2.41 -5.58
CA ARG A 438 23.88 -1.40 -6.51
C ARG A 438 24.66 -0.31 -5.80
N TRP A 439 24.16 0.14 -4.66
CA TRP A 439 24.85 1.19 -3.92
C TRP A 439 26.25 0.75 -3.56
N MET A 440 26.38 -0.51 -3.11
CA MET A 440 27.67 -1.05 -2.75
C MET A 440 28.58 -1.19 -3.97
N VAL A 441 27.99 -1.50 -5.12
CA VAL A 441 28.76 -1.59 -6.37
C VAL A 441 29.31 -0.24 -6.80
N PHE A 442 28.48 0.79 -6.72
CA PHE A 442 28.92 2.14 -7.09
C PHE A 442 29.92 2.68 -6.08
N GLU A 443 29.64 2.45 -4.80
CA GLU A 443 30.50 2.92 -3.72
C GLU A 443 31.87 2.27 -3.77
N GLY A 444 31.91 0.99 -4.14
CA GLY A 444 33.16 0.26 -4.23
C GLY A 444 33.31 -0.80 -3.15
N LYS A 445 32.20 -1.11 -2.46
CA LYS A 445 32.23 -2.15 -1.44
C LYS A 445 32.17 -3.54 -2.08
N ILE A 446 31.54 -3.62 -3.25
CA ILE A 446 31.52 -4.87 -4.00
C ILE A 446 32.30 -4.72 -5.29
N PRO A 447 33.50 -5.31 -5.38
CA PRO A 447 34.43 -5.23 -6.49
C PRO A 447 33.92 -6.07 -7.66
N LYS A 448 34.41 -5.77 -8.86
CA LYS A 448 33.96 -6.47 -10.06
C LYS A 448 34.05 -7.98 -9.91
N GLU A 449 35.12 -8.44 -9.27
CA GLU A 449 35.38 -9.86 -9.13
C GLU A 449 34.36 -10.57 -8.25
N GLN A 450 33.57 -9.81 -7.49
CA GLN A 450 32.58 -10.39 -6.60
C GLN A 450 31.17 -9.87 -6.85
N TRP A 451 30.92 -9.33 -8.04
CA TRP A 451 29.60 -8.80 -8.33
C TRP A 451 28.51 -9.83 -8.14
N MET A 452 28.65 -10.98 -8.80
CA MET A 452 27.63 -12.01 -8.71
C MET A 452 27.77 -12.85 -7.45
N GLU A 453 28.99 -12.99 -6.96
CA GLU A 453 29.16 -13.69 -5.70
C GLU A 453 28.32 -13.02 -4.61
N LYS A 454 28.39 -11.69 -4.56
CA LYS A 454 27.63 -10.94 -3.56
C LYS A 454 26.18 -10.79 -3.94
N TRP A 455 25.87 -10.68 -5.22
CA TRP A 455 24.47 -10.60 -5.60
C TRP A 455 23.72 -11.80 -5.06
N TRP A 456 24.23 -13.00 -5.34
CA TRP A 456 23.52 -14.20 -4.91
C TRP A 456 23.71 -14.51 -3.43
N GLU A 457 24.84 -14.11 -2.84
CA GLU A 457 24.99 -14.28 -1.40
C GLU A 457 23.93 -13.46 -0.69
N MET A 458 23.75 -12.22 -1.15
CA MET A 458 22.77 -11.31 -0.60
C MET A 458 21.34 -11.78 -0.88
N LYS A 459 21.10 -12.35 -2.06
CA LYS A 459 19.76 -12.84 -2.36
C LYS A 459 19.35 -13.92 -1.37
N ARG A 460 20.27 -14.82 -1.03
CA ARG A 460 19.94 -15.89 -0.10
C ARG A 460 19.73 -15.37 1.31
N GLU A 461 20.58 -14.45 1.75
CA GLU A 461 20.53 -13.93 3.12
C GLU A 461 19.40 -12.93 3.34
N ILE A 462 19.12 -12.11 2.34
CA ILE A 462 18.12 -11.05 2.47
C ILE A 462 16.75 -11.47 1.97
N VAL A 463 16.70 -12.07 0.79
CA VAL A 463 15.43 -12.37 0.14
C VAL A 463 15.00 -13.82 0.36
N GLY A 464 15.98 -14.71 0.51
CA GLY A 464 15.66 -16.12 0.72
C GLY A 464 15.41 -16.82 -0.60
N VAL A 465 16.11 -16.37 -1.63
CA VAL A 465 16.01 -16.93 -2.97
C VAL A 465 17.36 -17.43 -3.44
N VAL A 466 17.36 -18.60 -4.08
CA VAL A 466 18.59 -19.23 -4.54
C VAL A 466 18.59 -19.50 -6.04
N GLU A 467 19.76 -19.29 -6.64
CA GLU A 467 19.95 -19.50 -8.06
C GLU A 467 19.82 -20.98 -8.43
N PRO A 468 18.89 -21.34 -9.33
CA PRO A 468 18.65 -22.67 -9.84
C PRO A 468 19.94 -23.31 -10.34
N LEU A 469 20.77 -22.49 -10.97
CA LEU A 469 22.07 -22.92 -11.46
C LEU A 469 23.12 -21.91 -11.03
N PRO A 470 24.33 -22.36 -10.70
CA PRO A 470 25.44 -21.55 -10.25
C PRO A 470 25.90 -20.62 -11.36
N HIS A 471 26.18 -19.38 -11.00
CA HIS A 471 26.65 -18.38 -11.96
C HIS A 471 28.03 -17.89 -11.62
N ASP A 472 28.85 -17.69 -12.65
CA ASP A 472 30.15 -17.08 -12.48
C ASP A 472 30.06 -15.58 -12.76
N GLU A 473 31.20 -14.93 -12.86
CA GLU A 473 31.22 -13.48 -12.97
C GLU A 473 31.08 -12.98 -14.39
N THR A 474 30.69 -13.84 -15.33
CA THR A 474 30.39 -13.35 -16.67
C THR A 474 28.92 -12.95 -16.72
N TYR A 475 28.19 -13.28 -15.67
CA TYR A 475 26.78 -12.95 -15.55
C TYR A 475 26.61 -11.59 -14.90
N CYS A 476 25.48 -10.95 -15.19
CA CYS A 476 25.10 -9.73 -14.50
C CYS A 476 23.60 -9.67 -14.36
N ASP A 477 23.07 -10.53 -13.50
CA ASP A 477 21.63 -10.71 -13.38
C ASP A 477 20.86 -9.43 -13.14
N PRO A 478 21.31 -8.51 -12.28
CA PRO A 478 20.67 -7.24 -12.00
C PRO A 478 20.42 -6.45 -13.27
N ALA A 479 21.31 -6.59 -14.25
CA ALA A 479 21.21 -5.82 -15.47
C ALA A 479 20.13 -6.37 -16.38
N SER A 480 19.62 -7.55 -16.07
CA SER A 480 18.59 -8.16 -16.88
C SER A 480 17.22 -7.61 -16.48
N LEU A 481 17.22 -6.72 -15.49
CA LEU A 481 16.00 -6.02 -15.04
C LEU A 481 15.93 -4.66 -15.72
N PHE A 482 14.75 -4.28 -16.18
CA PHE A 482 14.58 -3.03 -16.92
C PHE A 482 15.21 -1.82 -16.24
N HIS A 483 14.93 -1.66 -14.94
CA HIS A 483 15.34 -0.46 -14.23
C HIS A 483 16.83 -0.35 -14.04
N VAL A 484 17.53 -1.47 -14.10
CA VAL A 484 18.97 -1.44 -13.92
C VAL A 484 19.64 -1.11 -15.23
N ALA A 485 19.23 -1.79 -16.30
CA ALA A 485 19.80 -1.58 -17.61
C ALA A 485 19.57 -0.14 -18.09
N ASN A 486 18.45 0.45 -17.69
CA ASN A 486 18.08 1.78 -18.17
C ASN A 486 18.43 2.91 -17.20
N ASP A 487 19.30 2.65 -16.23
CA ASP A 487 19.76 3.71 -15.31
C ASP A 487 18.64 4.41 -14.56
N TYR A 488 17.77 3.65 -13.91
CA TYR A 488 16.76 4.22 -13.04
C TYR A 488 17.08 3.92 -11.59
N SER A 489 16.63 4.79 -10.68
CA SER A 489 16.79 4.55 -9.25
C SER A 489 15.64 3.70 -8.74
N PHE A 490 15.98 2.55 -8.19
CA PHE A 490 14.99 1.55 -7.80
C PHE A 490 14.53 1.72 -6.36
N ILE A 491 15.25 2.56 -5.60
CA ILE A 491 14.93 2.73 -4.19
C ILE A 491 13.57 3.39 -4.03
N ARG A 492 13.13 4.09 -5.05
CA ARG A 492 11.84 4.78 -4.99
C ARG A 492 10.72 3.82 -4.71
N TYR A 493 10.90 2.55 -5.04
CA TYR A 493 9.85 1.56 -4.83
C TYR A 493 9.84 1.09 -3.38
N PHE A 494 11.01 1.13 -2.74
CA PHE A 494 11.11 0.77 -1.34
C PHE A 494 10.52 1.87 -0.49
N THR A 495 10.97 3.10 -0.75
CA THR A 495 10.53 4.25 0.03
C THR A 495 9.08 4.56 -0.24
N ARG A 496 8.63 4.34 -1.47
CA ARG A 496 7.24 4.56 -1.80
C ARG A 496 6.34 3.64 -1.01
N THR A 497 6.73 2.38 -0.91
CA THR A 497 5.93 1.42 -0.18
C THR A 497 5.82 1.79 1.29
N ILE A 498 6.93 2.22 1.88
CA ILE A 498 6.92 2.59 3.28
C ILE A 498 6.10 3.86 3.51
N LEU A 499 6.31 4.86 2.66
CA LEU A 499 5.57 6.11 2.76
C LEU A 499 4.09 5.87 2.50
N GLU A 500 3.81 4.97 1.57
CA GLU A 500 2.44 4.63 1.22
C GLU A 500 1.64 4.28 2.46
N PHE A 501 2.23 3.48 3.34
CA PHE A 501 1.51 3.08 4.53
C PHE A 501 1.57 4.14 5.63
N GLN A 502 2.61 4.96 5.65
CA GLN A 502 2.64 6.06 6.61
C GLN A 502 1.54 7.06 6.30
N PHE A 503 1.33 7.31 5.01
CA PHE A 503 0.29 8.25 4.60
C PHE A 503 -1.07 7.64 4.86
N GLN A 504 -1.24 6.36 4.49
CA GLN A 504 -2.52 5.71 4.68
C GLN A 504 -2.87 5.60 6.15
N GLU A 505 -1.92 5.21 6.98
CA GLU A 505 -2.23 5.05 8.39
C GLU A 505 -2.50 6.38 9.04
N ALA A 506 -1.71 7.39 8.72
CA ALA A 506 -1.91 8.69 9.33
C ALA A 506 -3.26 9.26 8.95
N LEU A 507 -3.63 9.12 7.68
CA LEU A 507 -4.92 9.60 7.21
C LEU A 507 -6.07 8.82 7.84
N CYS A 508 -5.86 7.52 8.04
CA CYS A 508 -6.85 6.64 8.66
C CYS A 508 -7.02 6.96 10.14
N GLN A 509 -5.94 7.41 10.79
CA GLN A 509 -6.06 7.82 12.19
C GLN A 509 -6.83 9.12 12.30
N ILE A 510 -6.57 10.04 11.39
CA ILE A 510 -7.27 11.33 11.36
C ILE A 510 -8.75 11.12 11.09
N ALA A 511 -9.03 10.16 10.21
CA ALA A 511 -10.39 9.81 9.83
C ALA A 511 -11.12 8.99 10.91
N ASN A 512 -10.34 8.62 11.94
CA ASN A 512 -10.87 7.85 13.08
C ASN A 512 -11.26 6.44 12.61
N HIS A 513 -10.40 5.77 11.87
CA HIS A 513 -10.58 4.38 11.46
C HIS A 513 -10.26 3.45 12.62
N THR A 514 -11.11 2.45 12.81
CA THR A 514 -10.91 1.45 13.86
C THR A 514 -10.91 0.06 13.26
N GLY A 515 -10.00 -0.79 13.71
CA GLY A 515 -9.87 -2.13 13.15
C GLY A 515 -8.72 -2.15 12.15
N PRO A 516 -8.59 -3.21 11.37
CA PRO A 516 -7.50 -3.49 10.45
C PRO A 516 -7.32 -2.37 9.44
N LEU A 517 -6.08 -1.99 9.19
CA LEU A 517 -5.79 -0.90 8.27
C LEU A 517 -6.19 -1.24 6.84
N HIS A 518 -6.16 -2.52 6.48
CA HIS A 518 -6.45 -2.91 5.10
C HIS A 518 -7.92 -2.72 4.75
N LYS A 519 -8.74 -2.41 5.74
CA LYS A 519 -10.15 -2.14 5.48
C LYS A 519 -10.52 -0.66 5.61
N CYS A 520 -9.49 0.21 5.68
CA CYS A 520 -9.68 1.65 5.86
C CYS A 520 -10.10 2.36 4.58
N ASP A 521 -11.13 3.17 4.72
CA ASP A 521 -11.65 3.99 3.65
C ASP A 521 -11.65 5.45 4.07
N ILE A 522 -10.89 6.28 3.38
CA ILE A 522 -10.74 7.68 3.77
C ILE A 522 -11.73 8.58 3.05
N SER A 523 -12.72 7.97 2.40
CA SER A 523 -13.77 8.75 1.75
C SER A 523 -14.53 9.56 2.79
N ASN A 524 -14.96 10.75 2.39
CA ASN A 524 -15.73 11.68 3.24
C ASN A 524 -14.95 12.13 4.47
N SER A 525 -13.63 11.92 4.50
CA SER A 525 -12.78 12.37 5.60
C SER A 525 -12.09 13.66 5.24
N THR A 526 -12.79 14.77 5.43
CA THR A 526 -12.29 16.07 5.01
C THR A 526 -11.18 16.55 5.91
N GLU A 527 -11.12 16.02 7.14
CA GLU A 527 -10.04 16.34 8.04
C GLU A 527 -8.74 15.71 7.55
N ALA A 528 -8.82 14.45 7.15
CA ALA A 528 -7.66 13.76 6.60
C ALA A 528 -7.27 14.39 5.29
N GLY A 529 -8.27 14.80 4.52
CA GLY A 529 -8.04 15.43 3.22
C GLY A 529 -7.31 16.75 3.36
N LYS A 530 -7.69 17.54 4.36
CA LYS A 530 -7.03 18.80 4.62
C LYS A 530 -5.59 18.57 5.04
N GLN A 531 -5.37 17.57 5.90
CA GLN A 531 -4.03 17.29 6.36
C GLN A 531 -3.18 16.83 5.19
N LEU A 532 -3.81 16.08 4.28
CA LEU A 532 -3.13 15.63 3.07
C LEU A 532 -2.75 16.82 2.19
N LYS A 533 -3.71 17.72 1.96
CA LYS A 533 -3.46 18.89 1.11
C LYS A 533 -2.35 19.75 1.66
N ASN A 534 -2.25 19.84 2.99
CA ASN A 534 -1.19 20.63 3.61
C ASN A 534 0.19 20.11 3.18
N MET A 535 0.28 18.82 2.90
CA MET A 535 1.53 18.23 2.43
C MET A 535 1.66 18.38 0.92
N LEU A 536 0.56 18.12 0.21
CA LEU A 536 0.61 18.09 -1.25
C LEU A 536 0.99 19.45 -1.84
N GLU A 537 0.47 20.51 -1.25
CA GLU A 537 0.66 21.85 -1.79
C GLU A 537 2.09 22.34 -1.71
N LEU A 538 2.93 21.63 -0.96
CA LEU A 538 4.30 22.06 -0.77
C LEU A 538 5.21 21.69 -1.93
N GLY A 539 4.83 20.70 -2.71
CA GLY A 539 5.72 20.24 -3.78
C GLY A 539 7.04 19.86 -3.16
N LYS A 540 8.14 20.35 -3.71
CA LYS A 540 9.44 20.10 -3.11
C LYS A 540 10.09 21.40 -2.65
N SER A 541 9.26 22.40 -2.36
CA SER A 541 9.73 23.71 -1.91
C SER A 541 10.28 23.65 -0.48
N LYS A 542 9.84 22.65 0.26
CA LYS A 542 10.28 22.43 1.64
C LYS A 542 10.98 21.09 1.72
N PRO A 543 11.82 20.85 2.72
CA PRO A 543 12.46 19.58 3.00
C PRO A 543 11.41 18.50 3.01
N TRP A 544 11.68 17.38 2.36
CA TRP A 544 10.68 16.32 2.28
C TRP A 544 10.29 15.82 3.66
N THR A 545 11.19 15.96 4.64
CA THR A 545 10.89 15.54 6.00
C THR A 545 9.93 16.52 6.65
N PHE A 546 9.92 17.76 6.16
CA PHE A 546 8.94 18.74 6.60
C PHE A 546 7.59 18.36 6.02
N ALA A 547 7.61 18.03 4.73
CA ALA A 547 6.41 17.62 4.03
C ALA A 547 5.85 16.34 4.65
N LEU A 548 6.73 15.45 5.07
CA LEU A 548 6.29 14.22 5.71
C LEU A 548 5.60 14.50 7.02
N GLU A 549 6.20 15.36 7.84
CA GLU A 549 5.61 15.69 9.13
C GLU A 549 4.19 16.21 8.97
N GLN A 550 3.96 16.98 7.93
CA GLN A 550 2.65 17.60 7.71
C GLN A 550 1.55 16.55 7.56
N ILE A 551 1.89 15.34 7.15
CA ILE A 551 0.88 14.30 6.96
C ILE A 551 1.00 13.16 7.99
N ALA A 552 2.22 12.69 8.24
CA ALA A 552 2.43 11.52 9.07
C ALA A 552 2.86 11.86 10.50
N ARG A 553 2.99 13.15 10.80
CA ARG A 553 3.43 13.61 12.10
C ARG A 553 4.76 12.97 12.52
N THR A 554 5.66 12.85 11.56
CA THR A 554 7.00 12.33 11.81
C THR A 554 7.97 12.87 10.79
N LYS A 555 9.25 12.90 11.15
CA LYS A 555 10.28 13.41 10.25
C LYS A 555 11.15 12.28 9.71
N GLU A 556 10.74 11.05 9.98
CA GLU A 556 11.49 9.87 9.55
C GLU A 556 10.58 8.84 8.90
N MET A 557 11.15 7.96 8.10
CA MET A 557 10.39 6.87 7.51
C MET A 557 10.12 5.81 8.57
N ASP A 558 8.92 5.24 8.55
CA ASP A 558 8.51 4.29 9.58
C ASP A 558 7.84 3.04 8.99
N ALA A 559 8.35 1.88 9.38
CA ALA A 559 7.87 0.60 8.89
C ALA A 559 6.57 0.17 9.57
N LYS A 560 6.32 0.68 10.78
CA LYS A 560 5.23 0.19 11.59
C LYS A 560 3.88 0.13 10.86
N PRO A 561 3.46 1.18 10.15
CA PRO A 561 2.22 1.24 9.38
C PRO A 561 2.08 0.07 8.41
N LEU A 562 3.20 -0.40 7.84
CA LEU A 562 3.15 -1.52 6.93
C LEU A 562 2.89 -2.79 7.70
N LEU A 563 3.61 -2.92 8.80
CA LEU A 563 3.49 -4.09 9.65
C LEU A 563 2.06 -4.17 10.19
N ASN A 564 1.48 -3.01 10.46
CA ASN A 564 0.10 -2.94 10.92
C ASN A 564 -0.87 -3.36 9.82
N TYR A 565 -0.62 -2.90 8.60
CA TYR A 565 -1.47 -3.29 7.45
C TYR A 565 -1.53 -4.80 7.33
N PHE A 566 -0.38 -5.46 7.41
CA PHE A 566 -0.31 -6.90 7.23
C PHE A 566 -0.27 -7.68 8.54
N LYS A 567 -0.54 -7.00 9.65
CA LYS A 567 -0.51 -7.65 10.95
C LYS A 567 -1.44 -8.87 11.07
N PRO A 568 -2.70 -8.82 10.61
CA PRO A 568 -3.60 -9.96 10.56
C PRO A 568 -3.08 -11.10 9.72
N LEU A 569 -2.32 -10.79 8.68
CA LEU A 569 -1.73 -11.85 7.88
C LEU A 569 -0.57 -12.47 8.62
N PHE A 570 0.20 -11.62 9.30
CA PHE A 570 1.36 -12.07 10.06
C PHE A 570 0.95 -13.08 11.12
N SER A 571 -0.10 -12.76 11.88
CA SER A 571 -0.55 -13.68 12.92
C SER A 571 -1.00 -15.02 12.33
N TRP A 572 -1.77 -14.96 11.23
CA TRP A 572 -2.20 -16.19 10.58
C TRP A 572 -1.03 -17.02 10.11
N LEU A 573 -0.08 -16.38 9.43
CA LEU A 573 1.07 -17.09 8.89
C LEU A 573 1.90 -17.69 10.02
N LYS A 574 2.06 -16.94 11.10
CA LYS A 574 2.86 -17.37 12.24
C LYS A 574 2.32 -18.66 12.85
N GLU A 575 1.01 -18.71 13.09
CA GLU A 575 0.44 -19.90 13.69
C GLU A 575 0.38 -21.06 12.71
N LEU A 576 0.24 -20.76 11.43
CA LEU A 576 0.23 -21.79 10.41
C LEU A 576 1.61 -22.41 10.25
N ASN A 577 2.65 -21.57 10.27
CA ASN A 577 4.01 -22.02 10.03
C ASN A 577 4.66 -22.64 11.26
N GLY A 578 4.27 -22.19 12.44
CA GLY A 578 4.86 -22.70 13.67
C GLY A 578 6.35 -22.37 13.76
N ASN A 579 7.17 -23.41 13.91
CA ASN A 579 8.61 -23.22 14.07
C ASN A 579 9.41 -23.51 12.79
N SER A 580 8.76 -23.43 11.65
CA SER A 580 9.45 -23.61 10.37
C SER A 580 9.58 -22.29 9.64
N VAL A 581 9.53 -21.19 10.39
CA VAL A 581 9.62 -19.85 9.85
C VAL A 581 11.08 -19.43 9.64
N GLY A 582 11.37 -18.87 8.47
CA GLY A 582 12.72 -18.44 8.15
C GLY A 582 13.42 -19.46 7.27
N TRP A 583 14.70 -19.26 7.02
CA TRP A 583 15.42 -20.13 6.11
C TRP A 583 16.92 -20.17 6.37
N SER A 584 17.56 -21.22 5.88
CA SER A 584 19.02 -21.30 5.85
C SER A 584 19.51 -20.83 4.48
N ALA A 585 20.78 -20.45 4.39
CA ALA A 585 21.39 -19.97 3.15
C ALA A 585 22.51 -20.91 2.71
N LYS B 6 -42.42 -6.57 32.58
CA LYS B 6 -42.09 -7.84 31.93
C LYS B 6 -40.58 -8.12 31.89
N LEU B 7 -39.79 -7.06 31.76
CA LEU B 7 -38.34 -7.20 31.66
C LEU B 7 -37.71 -7.52 33.02
N PHE B 8 -38.52 -7.51 34.07
CA PHE B 8 -38.06 -7.88 35.39
C PHE B 8 -38.58 -9.26 35.80
N ILE B 9 -39.17 -9.98 34.84
CA ILE B 9 -39.70 -11.31 35.08
C ILE B 9 -38.77 -12.34 34.47
N GLY B 10 -38.46 -13.38 35.24
CA GLY B 10 -37.51 -14.39 34.80
C GLY B 10 -36.08 -13.95 35.08
N GLN B 11 -35.14 -14.40 34.28
CA GLN B 11 -33.73 -14.12 34.53
C GLN B 11 -33.29 -12.87 33.76
N VAL B 12 -32.04 -12.48 33.93
CA VAL B 12 -31.50 -11.30 33.26
C VAL B 12 -30.36 -11.71 32.32
N PRO B 13 -30.43 -11.35 31.05
CA PRO B 13 -29.45 -11.65 30.02
C PRO B 13 -28.17 -10.89 30.24
N GLN B 14 -27.07 -11.42 29.71
CA GLN B 14 -25.77 -10.79 29.80
C GLN B 14 -25.59 -9.82 28.62
N PRO B 15 -24.65 -8.86 28.71
CA PRO B 15 -24.34 -7.84 27.71
C PRO B 15 -24.18 -8.35 26.28
N TYR B 16 -23.66 -9.56 26.12
CA TYR B 16 -23.42 -10.10 24.78
C TYR B 16 -24.68 -10.68 24.16
N GLU B 17 -25.73 -10.80 24.97
CA GLU B 17 -27.00 -11.36 24.54
C GLU B 17 -28.13 -10.44 24.96
N PHE B 18 -27.87 -9.14 24.96
CA PHE B 18 -28.85 -8.20 25.48
C PHE B 18 -30.22 -8.44 24.87
N GLY B 19 -31.25 -8.29 25.68
CA GLY B 19 -32.61 -8.50 25.23
C GLY B 19 -33.16 -7.24 24.60
N ARG B 20 -34.16 -7.40 23.74
CA ARG B 20 -34.82 -6.27 23.12
C ARG B 20 -36.33 -6.42 23.16
N LEU B 21 -37.00 -5.38 23.64
CA LEU B 21 -38.45 -5.35 23.67
C LEU B 21 -38.98 -4.03 23.11
N VAL B 22 -40.14 -4.08 22.48
CA VAL B 22 -40.72 -2.89 21.89
C VAL B 22 -42.17 -2.69 22.32
N TYR B 28 -46.77 4.85 29.12
CA TYR B 28 -45.82 4.38 30.10
C TYR B 28 -45.64 5.41 31.20
N ASN B 29 -45.16 4.98 32.36
CA ASN B 29 -44.96 5.88 33.48
C ASN B 29 -43.59 5.69 34.10
N PHE B 30 -42.70 6.67 33.87
CA PHE B 30 -41.33 6.58 34.35
C PHE B 30 -41.27 6.50 35.87
N THR B 31 -42.12 7.28 36.54
CA THR B 31 -42.16 7.25 38.00
C THR B 31 -42.41 5.83 38.50
N LYS B 32 -43.29 5.10 37.82
CA LYS B 32 -43.56 3.71 38.20
C LYS B 32 -42.33 2.83 37.99
N LEU B 33 -41.57 3.11 36.93
CA LEU B 33 -40.34 2.35 36.67
C LEU B 33 -39.38 2.48 37.85
N LEU B 34 -39.34 3.68 38.42
CA LEU B 34 -38.44 4.00 39.52
C LEU B 34 -38.92 3.35 40.82
N SER B 35 -40.10 2.73 40.79
CA SER B 35 -40.62 2.02 41.95
C SER B 35 -40.23 0.55 41.87
N TYR B 36 -39.59 0.17 40.77
CA TYR B 36 -39.12 -1.19 40.59
C TYR B 36 -37.63 -1.25 40.91
N PHE B 37 -36.91 -0.25 40.42
CA PHE B 37 -35.46 -0.20 40.60
C PHE B 37 -34.98 1.15 41.12
N GLN B 38 -33.80 1.15 41.75
CA GLN B 38 -33.17 2.37 42.19
C GLN B 38 -32.06 2.80 41.24
N VAL B 39 -32.26 3.94 40.60
CA VAL B 39 -31.30 4.42 39.62
C VAL B 39 -30.17 5.20 40.28
N ASN B 40 -28.94 4.91 39.87
CA ASN B 40 -27.77 5.63 40.35
C ASN B 40 -27.34 6.67 39.34
N THR B 41 -27.39 6.30 38.05
CA THR B 41 -27.03 7.22 36.98
C THR B 41 -28.15 7.34 35.97
N PHE B 42 -28.58 8.57 35.72
CA PHE B 42 -29.60 8.84 34.73
C PHE B 42 -29.14 9.96 33.81
N GLN B 43 -28.75 9.60 32.59
CA GLN B 43 -28.24 10.58 31.63
C GLN B 43 -28.87 10.35 30.27
N CYS B 44 -29.11 11.43 29.52
CA CYS B 44 -29.79 11.36 28.23
C CYS B 44 -28.99 11.98 27.12
N GLN B 45 -29.15 11.42 25.92
CA GLN B 45 -28.51 11.95 24.71
C GLN B 45 -29.55 12.45 23.71
N LYS B 46 -29.47 13.74 23.42
CA LYS B 46 -30.38 14.40 22.48
C LYS B 46 -31.84 14.26 22.91
N VAL B 47 -32.10 14.32 24.21
CA VAL B 47 -33.46 14.26 24.71
C VAL B 47 -33.53 14.70 26.16
N SER B 59 -44.24 4.77 19.90
CA SER B 59 -43.34 3.63 19.82
C SER B 59 -42.05 3.88 20.58
N LEU B 60 -41.65 2.92 21.41
CA LEU B 60 -40.39 2.98 22.15
C LEU B 60 -39.71 1.62 22.23
N THR B 61 -38.39 1.62 22.10
CA THR B 61 -37.58 0.40 22.10
C THR B 61 -36.62 0.37 23.28
N VAL B 62 -36.58 -0.76 23.98
CA VAL B 62 -35.72 -0.89 25.13
C VAL B 62 -34.73 -2.05 24.99
N ASP B 63 -33.44 -1.73 25.09
CA ASP B 63 -32.39 -2.73 25.10
C ASP B 63 -31.82 -2.88 26.50
N TRP B 64 -31.78 -4.09 27.02
CA TRP B 64 -31.40 -4.25 28.42
C TRP B 64 -30.54 -5.48 28.68
N PHE B 65 -29.68 -5.37 29.70
CA PHE B 65 -28.80 -6.45 30.11
C PHE B 65 -28.23 -6.25 31.50
N ALA B 66 -27.73 -7.31 32.12
CA ALA B 66 -27.07 -7.20 33.41
C ALA B 66 -25.74 -6.48 33.29
N TYR B 67 -25.45 -5.58 34.22
CA TYR B 67 -24.15 -4.93 34.27
C TYR B 67 -23.86 -4.26 35.61
N ARG B 68 -22.63 -4.41 36.09
CA ARG B 68 -22.25 -3.88 37.39
C ARG B 68 -22.33 -2.36 37.56
N VAL B 69 -22.70 -1.92 38.76
CA VAL B 69 -22.75 -0.50 39.09
C VAL B 69 -21.32 0.02 39.25
N GLU B 70 -20.45 -0.75 39.87
CA GLU B 70 -19.11 -0.28 40.18
C GLU B 70 -18.37 0.16 38.92
N ASP B 71 -18.59 -0.56 37.82
CA ASP B 71 -17.97 -0.20 36.55
C ASP B 71 -18.94 0.49 35.58
N LYS B 72 -19.92 1.18 36.15
CA LYS B 72 -20.95 1.91 35.41
C LYS B 72 -20.41 2.89 34.37
N SER B 73 -19.16 3.29 34.52
CA SER B 73 -18.55 4.24 33.59
C SER B 73 -18.54 3.69 32.17
N ASP B 74 -18.59 2.37 32.04
CA ASP B 74 -18.53 1.70 30.75
C ASP B 74 -19.87 1.80 30.01
N LEU B 75 -20.88 2.28 30.69
CA LEU B 75 -22.21 2.45 30.10
C LEU B 75 -22.34 3.82 29.44
N LEU B 76 -21.40 4.71 29.71
CA LEU B 76 -21.50 6.08 29.22
C LEU B 76 -20.87 6.23 27.85
N PRO B 77 -21.57 6.89 26.92
CA PRO B 77 -21.20 7.02 25.52
C PRO B 77 -19.89 7.75 25.36
N GLY B 78 -19.08 7.29 24.43
CA GLY B 78 -17.80 7.91 24.12
C GLY B 78 -16.65 7.26 24.89
N SER B 79 -16.98 6.48 25.92
CA SER B 79 -15.96 5.82 26.71
C SER B 79 -15.31 4.69 25.92
N SER B 80 -14.02 4.49 26.13
CA SER B 80 -13.34 3.35 25.53
C SER B 80 -13.34 2.18 26.50
N SER B 81 -14.12 1.15 26.18
CA SER B 81 -14.29 0.01 27.06
C SER B 81 -14.64 -1.23 26.26
N ASP B 82 -14.58 -2.39 26.90
CA ASP B 82 -14.92 -3.63 26.22
C ASP B 82 -16.42 -3.73 25.98
N LEU B 83 -17.21 -3.20 26.89
CA LEU B 83 -18.66 -3.32 26.78
C LEU B 83 -19.15 -2.73 25.47
N GLN B 84 -18.71 -1.53 25.15
CA GLN B 84 -19.19 -0.82 23.97
C GLN B 84 -18.47 -1.25 22.70
N ARG B 85 -17.56 -2.21 22.83
CA ARG B 85 -16.80 -2.66 21.68
C ARG B 85 -17.21 -4.05 21.24
N PHE B 86 -17.43 -4.94 22.20
CA PHE B 86 -17.73 -6.34 21.88
C PHE B 86 -19.09 -6.84 22.31
N ASN B 87 -19.80 -6.09 23.15
CA ASN B 87 -21.04 -6.60 23.74
C ASN B 87 -22.25 -5.83 23.27
N TYR B 88 -22.23 -4.53 23.52
CA TYR B 88 -23.33 -3.66 23.13
C TYR B 88 -22.92 -2.22 23.05
N LYS B 89 -23.11 -1.64 21.87
CA LYS B 89 -22.87 -0.23 21.65
C LYS B 89 -24.19 0.43 21.28
N PRO B 90 -24.68 1.38 22.08
CA PRO B 90 -25.89 2.13 21.86
C PRO B 90 -25.85 2.90 20.55
N THR B 91 -27.00 3.01 19.90
CA THR B 91 -27.14 3.84 18.71
C THR B 91 -27.93 5.09 19.07
N TYR B 92 -27.42 6.24 18.66
CA TYR B 92 -28.02 7.51 19.06
C TYR B 92 -28.63 8.27 17.89
N CYS B 97 -32.13 7.56 26.35
CA CYS B 97 -31.65 7.74 27.73
C CYS B 97 -31.04 6.47 28.32
N LEU B 98 -30.01 6.65 29.13
CA LEU B 98 -29.39 5.57 29.87
C LEU B 98 -29.81 5.55 31.33
N ILE B 99 -30.31 4.40 31.76
CA ILE B 99 -30.69 4.20 33.16
C ILE B 99 -29.88 3.07 33.78
N SER B 100 -28.95 3.42 34.66
CA SER B 100 -28.14 2.42 35.35
C SER B 100 -28.67 2.26 36.77
N ALA B 101 -29.23 1.09 37.06
CA ALA B 101 -29.97 0.89 38.30
C ALA B 101 -29.79 -0.50 38.86
N TYR B 102 -30.10 -0.65 40.15
CA TYR B 102 -30.07 -1.97 40.78
C TYR B 102 -31.42 -2.30 41.39
N THR B 103 -31.72 -3.59 41.45
CA THR B 103 -32.98 -4.05 42.00
C THR B 103 -32.95 -5.53 42.36
N ASN B 104 -33.77 -5.91 43.33
CA ASN B 104 -34.00 -7.32 43.59
C ASN B 104 -35.21 -7.77 42.77
N LEU B 105 -35.01 -8.71 41.85
CA LEU B 105 -36.08 -9.11 40.94
C LEU B 105 -37.08 -10.06 41.60
N VAL B 106 -36.72 -10.63 42.74
CA VAL B 106 -37.54 -11.66 43.33
C VAL B 106 -38.98 -11.20 43.66
N GLY B 110 -38.88 -12.33 39.10
CA GLY B 110 -37.69 -12.80 38.41
C GLY B 110 -36.62 -13.24 39.38
N VAL B 111 -35.41 -13.41 38.88
CA VAL B 111 -34.27 -13.83 39.70
C VAL B 111 -33.09 -12.92 39.46
N ASN B 112 -32.14 -12.94 40.40
CA ASN B 112 -30.94 -12.13 40.26
C ASN B 112 -29.82 -12.98 39.67
N PRO B 113 -28.91 -12.39 38.89
CA PRO B 113 -27.71 -13.01 38.35
C PRO B 113 -26.80 -13.52 39.45
N THR B 114 -26.18 -14.68 39.22
CA THR B 114 -25.14 -15.18 40.11
C THR B 114 -23.85 -14.38 39.95
N ASN B 115 -23.53 -14.04 38.70
CA ASN B 115 -22.31 -13.32 38.32
C ASN B 115 -22.54 -12.53 37.05
N TYR B 116 -21.54 -11.74 36.64
CA TYR B 116 -21.63 -10.90 35.44
C TYR B 116 -20.57 -11.29 34.40
N THR B 117 -21.03 -11.64 33.20
CA THR B 117 -20.12 -12.07 32.15
C THR B 117 -20.10 -11.08 31.00
N THR B 118 -18.91 -10.63 30.65
CA THR B 118 -18.74 -9.65 29.57
C THR B 118 -17.65 -10.11 28.59
N LEU B 119 -17.92 -9.99 27.29
CA LEU B 119 -16.88 -10.29 26.32
C LEU B 119 -15.82 -9.21 26.35
N THR B 120 -14.57 -9.61 26.51
CA THR B 120 -13.47 -8.66 26.54
C THR B 120 -12.82 -8.61 25.17
N ASN B 121 -13.05 -9.66 24.40
CA ASN B 121 -12.54 -9.70 23.04
C ASN B 121 -13.34 -10.69 22.18
N CYS B 122 -13.28 -10.51 20.87
CA CYS B 122 -13.80 -11.47 19.89
C CYS B 122 -13.22 -11.15 18.52
N TYR B 123 -12.78 -12.20 17.83
CA TYR B 123 -12.13 -12.01 16.53
C TYR B 123 -12.27 -13.21 15.62
N GLY B 124 -12.17 -12.95 14.33
CA GLY B 124 -12.39 -13.97 13.31
C GLY B 124 -11.31 -15.04 13.29
N CYS B 125 -11.71 -16.24 12.87
CA CYS B 125 -10.79 -17.37 12.70
C CYS B 125 -10.96 -17.99 11.32
N VAL B 126 -9.89 -18.62 10.84
CA VAL B 126 -9.95 -19.37 9.60
C VAL B 126 -9.43 -20.78 9.84
N ASP B 127 -9.81 -21.73 8.99
CA ASP B 127 -9.37 -23.10 9.17
C ASP B 127 -7.91 -23.31 8.79
N LYS B 128 -7.18 -24.05 9.62
CA LYS B 128 -5.77 -24.35 9.36
C LYS B 128 -5.61 -25.17 8.08
N ASP B 129 -6.50 -26.14 7.91
CA ASP B 129 -6.47 -27.04 6.76
C ASP B 129 -7.75 -26.87 5.93
N PRO B 130 -7.66 -26.22 4.76
CA PRO B 130 -8.75 -25.90 3.85
C PRO B 130 -9.58 -27.12 3.46
N ALA B 131 -9.03 -28.31 3.64
CA ALA B 131 -9.73 -29.53 3.28
C ALA B 131 -10.74 -29.93 4.36
N ASN B 132 -10.71 -29.23 5.50
CA ASN B 132 -11.60 -29.56 6.61
C ASN B 132 -12.14 -28.30 7.30
N PRO B 133 -13.31 -27.81 6.87
CA PRO B 133 -14.00 -26.63 7.36
C PRO B 133 -14.36 -26.72 8.84
N TRP B 134 -14.32 -27.94 9.39
CA TRP B 134 -14.68 -28.17 10.79
C TRP B 134 -13.48 -28.54 11.64
N GLY B 135 -12.27 -28.39 11.10
CA GLY B 135 -11.07 -28.86 11.78
C GLY B 135 -10.42 -27.79 12.65
N ASP B 136 -9.13 -27.96 12.92
CA ASP B 136 -8.38 -27.06 13.77
C ASP B 136 -8.34 -25.66 13.17
N GLN B 137 -8.57 -24.65 14.00
CA GLN B 137 -8.64 -23.28 13.51
C GLN B 137 -7.42 -22.45 13.88
N ILE B 138 -7.11 -21.49 13.02
CA ILE B 138 -6.14 -20.44 13.32
C ILE B 138 -6.86 -19.13 13.49
N CYS B 139 -6.78 -18.54 14.67
CA CYS B 139 -7.50 -17.32 14.98
C CYS B 139 -6.61 -16.09 14.87
N ILE B 140 -7.18 -15.00 14.38
CA ILE B 140 -6.44 -13.78 14.16
C ILE B 140 -7.01 -12.62 14.97
N PRO B 141 -6.35 -12.26 16.08
CA PRO B 141 -6.71 -11.19 17.01
C PRO B 141 -6.98 -9.88 16.31
N GLU B 142 -6.31 -9.67 15.18
CA GLU B 142 -6.46 -8.44 14.42
C GLU B 142 -7.78 -8.36 13.68
N PHE B 143 -8.40 -9.51 13.40
CA PHE B 143 -9.70 -9.51 12.76
C PHE B 143 -10.76 -9.24 13.80
N VAL B 144 -10.70 -8.05 14.36
CA VAL B 144 -11.58 -7.70 15.46
C VAL B 144 -13.02 -7.72 15.00
N THR B 145 -13.86 -8.44 15.73
CA THR B 145 -15.27 -8.47 15.42
C THR B 145 -15.98 -7.44 16.28
N GLU B 146 -16.33 -6.33 15.66
CA GLU B 146 -16.91 -5.22 16.39
C GLU B 146 -18.38 -5.49 16.58
N VAL B 147 -18.94 -5.06 17.69
CA VAL B 147 -20.35 -5.30 17.93
C VAL B 147 -21.26 -4.63 16.90
N GLU B 148 -20.88 -3.43 16.45
CA GLU B 148 -21.70 -2.65 15.51
C GLU B 148 -22.91 -2.10 16.26
N PRO B 149 -23.07 -0.78 16.35
CA PRO B 149 -24.02 -0.11 17.21
C PRO B 149 -25.43 -0.55 16.90
N GLY B 150 -26.15 -0.96 17.94
CA GLY B 150 -27.56 -1.36 17.77
C GLY B 150 -27.65 -2.81 17.34
N PHE B 151 -26.54 -3.53 17.41
CA PHE B 151 -26.55 -4.93 16.91
C PHE B 151 -26.04 -5.85 18.01
N ARG B 152 -26.60 -7.05 18.09
CA ARG B 152 -26.11 -8.05 19.06
C ARG B 152 -24.74 -8.54 18.55
N PRO B 153 -23.86 -9.06 19.42
CA PRO B 153 -22.57 -9.63 18.99
C PRO B 153 -22.87 -10.78 18.06
N LYS B 154 -22.00 -11.04 17.09
CA LYS B 154 -22.31 -12.04 16.04
C LYS B 154 -22.47 -13.36 16.77
N PRO B 155 -23.29 -14.31 16.29
CA PRO B 155 -23.65 -15.51 17.10
C PRO B 155 -22.42 -16.27 17.52
N SER B 156 -21.42 -16.42 16.65
CA SER B 156 -20.19 -17.05 17.13
C SER B 156 -19.70 -16.36 18.41
N CYS B 157 -19.81 -15.03 18.51
CA CYS B 157 -19.28 -14.28 19.65
C CYS B 157 -20.20 -14.43 20.86
N ALA B 158 -21.51 -14.40 20.61
CA ALA B 158 -22.49 -14.53 21.67
C ALA B 158 -22.40 -15.92 22.31
N ARG B 159 -22.17 -16.93 21.49
CA ARG B 159 -22.03 -18.29 21.99
C ARG B 159 -20.88 -18.41 22.98
N VAL B 160 -19.76 -17.72 22.71
CA VAL B 160 -18.64 -17.77 23.63
C VAL B 160 -19.04 -17.21 24.98
N GLY B 161 -19.76 -16.09 24.94
CA GLY B 161 -20.25 -15.47 26.17
C GLY B 161 -21.19 -16.43 26.91
N LEU B 162 -22.08 -17.08 26.17
CA LEU B 162 -23.04 -17.99 26.78
C LEU B 162 -22.33 -19.15 27.47
N GLU B 163 -21.28 -19.66 26.84
CA GLU B 163 -20.50 -20.74 27.44
C GLU B 163 -19.69 -20.26 28.63
N GLY B 164 -19.11 -19.06 28.52
CA GLY B 164 -18.29 -18.50 29.58
C GLY B 164 -19.09 -18.25 30.85
N HIS B 165 -20.35 -17.86 30.69
CA HIS B 165 -21.24 -17.62 31.81
C HIS B 165 -21.54 -18.89 32.59
N ILE B 166 -21.28 -20.04 31.98
CA ILE B 166 -21.66 -21.34 32.63
C ILE B 166 -20.38 -22.13 32.94
N SER B 167 -19.31 -21.88 32.19
CA SER B 167 -18.08 -22.69 32.35
C SER B 167 -17.51 -22.53 33.76
N GLY B 168 -17.54 -21.31 34.29
CA GLY B 168 -16.97 -21.06 35.63
C GLY B 168 -15.50 -20.74 35.59
N ASN B 169 -14.87 -20.79 34.40
CA ASN B 169 -13.47 -20.30 34.35
C ASN B 169 -13.66 -18.80 34.58
N ASP B 170 -12.79 -18.14 35.35
CA ASP B 170 -13.08 -16.71 35.64
C ASP B 170 -13.04 -15.98 34.30
N THR B 171 -12.07 -16.33 33.46
CA THR B 171 -12.05 -15.79 32.09
C THR B 171 -12.15 -17.01 31.19
N TYR B 172 -13.08 -17.01 30.25
CA TYR B 172 -13.29 -18.23 29.43
C TYR B 172 -12.95 -17.93 28.00
N SER B 173 -12.10 -18.76 27.40
CA SER B 173 -11.81 -18.58 25.99
C SER B 173 -12.34 -19.76 25.18
N ALA B 174 -12.81 -19.49 23.98
CA ALA B 174 -13.28 -20.58 23.13
C ALA B 174 -13.26 -20.21 21.66
N ILE B 175 -13.12 -21.24 20.82
CA ILE B 175 -13.26 -21.10 19.38
C ILE B 175 -14.54 -21.80 18.96
N VAL B 176 -15.52 -21.04 18.51
CA VAL B 176 -16.83 -21.62 18.21
C VAL B 176 -17.39 -21.16 16.89
N THR B 177 -18.44 -21.84 16.46
CA THR B 177 -19.27 -21.41 15.34
C THR B 177 -20.72 -21.61 15.78
N ASN B 178 -21.65 -20.85 15.21
CA ASN B 178 -23.02 -20.95 15.68
C ASN B 178 -24.08 -20.72 14.60
N GLY B 179 -24.03 -21.52 13.54
CA GLY B 179 -25.08 -21.50 12.53
C GLY B 179 -24.90 -20.47 11.43
N GLU B 180 -23.81 -19.71 11.49
CA GLU B 180 -23.58 -18.70 10.47
C GLU B 180 -22.58 -19.20 9.45
N LEU B 181 -22.93 -19.04 8.18
CA LEU B 181 -22.12 -19.55 7.07
C LEU B 181 -21.53 -18.43 6.24
N ASP B 182 -20.42 -18.73 5.58
CA ASP B 182 -19.74 -17.78 4.71
C ASP B 182 -20.32 -17.82 3.28
N SER B 183 -19.65 -17.13 2.35
CA SER B 183 -20.14 -17.03 0.97
C SER B 183 -20.14 -18.34 0.21
N THR B 184 -19.49 -19.38 0.75
CA THR B 184 -19.44 -20.68 0.08
C THR B 184 -20.40 -21.65 0.73
N GLY B 185 -20.72 -21.42 1.99
CA GLY B 185 -21.59 -22.32 2.74
C GLY B 185 -20.83 -23.05 3.85
N ASP B 186 -19.60 -22.62 4.12
CA ASP B 186 -18.81 -23.21 5.20
C ASP B 186 -19.07 -22.43 6.49
N PRO B 187 -18.89 -23.04 7.66
CA PRO B 187 -19.05 -22.43 8.98
C PRO B 187 -18.12 -21.25 9.18
N ILE B 188 -18.61 -20.22 9.83
CA ILE B 188 -17.78 -19.10 10.23
C ILE B 188 -17.35 -19.29 11.68
N TRP B 189 -16.05 -19.37 11.90
CA TRP B 189 -15.53 -19.57 13.24
C TRP B 189 -15.00 -18.27 13.81
N ARG B 190 -15.23 -18.07 15.12
CA ARG B 190 -14.65 -16.93 15.83
C ARG B 190 -14.14 -17.36 17.19
N LYS B 191 -13.14 -16.65 17.68
CA LYS B 191 -12.65 -16.87 19.03
C LYS B 191 -13.02 -15.69 19.89
N GLY B 192 -13.50 -15.98 21.09
CA GLY B 192 -13.88 -14.92 21.99
C GLY B 192 -13.32 -15.14 23.37
N VAL B 193 -13.32 -14.08 24.17
CA VAL B 193 -12.93 -14.16 25.56
C VAL B 193 -14.01 -13.57 26.44
N ALA B 194 -14.59 -14.40 27.29
CA ALA B 194 -15.67 -13.98 28.17
C ALA B 194 -15.20 -13.94 29.61
N LEU B 195 -15.17 -12.74 30.19
CA LEU B 195 -14.66 -12.57 31.53
C LEU B 195 -15.80 -12.47 32.52
N THR B 196 -15.72 -13.26 33.60
CA THR B 196 -16.77 -13.29 34.60
C THR B 196 -16.35 -12.61 35.88
N LYS B 197 -17.16 -11.66 36.34
CA LYS B 197 -16.92 -10.98 37.60
C LYS B 197 -17.92 -11.33 38.68
N GLN B 198 -17.47 -11.32 39.92
CA GLN B 198 -18.36 -11.52 41.05
C GLN B 198 -18.79 -10.16 41.56
N PRO B 199 -20.06 -9.99 41.95
CA PRO B 199 -20.64 -8.82 42.56
C PRO B 199 -20.20 -8.67 44.01
N ILE B 200 -20.24 -7.44 44.50
CA ILE B 200 -20.02 -7.20 45.92
C ILE B 200 -21.30 -7.50 46.68
N ASP B 201 -22.40 -6.96 46.17
CA ASP B 201 -23.71 -7.23 46.74
C ASP B 201 -24.40 -8.34 45.94
N SER B 202 -24.48 -9.53 46.52
CA SER B 202 -25.01 -10.69 45.82
C SER B 202 -26.51 -10.83 46.00
N SER B 203 -27.12 -9.89 46.73
CA SER B 203 -28.54 -9.94 47.02
C SER B 203 -29.37 -9.12 46.02
N ARG B 204 -28.69 -8.48 45.09
CA ARG B 204 -29.37 -7.60 44.13
C ARG B 204 -28.86 -7.82 42.72
N ALA B 205 -29.67 -7.46 41.74
CA ALA B 205 -29.25 -7.46 40.34
C ALA B 205 -28.91 -6.05 39.88
N ASP B 206 -27.80 -5.92 39.17
CA ASP B 206 -27.44 -4.63 38.58
C ASP B 206 -27.75 -4.66 37.09
N LEU B 207 -28.61 -3.76 36.63
CA LEU B 207 -29.07 -3.78 35.25
C LEU B 207 -28.83 -2.45 34.53
N ALA B 208 -28.54 -2.55 33.24
CA ALA B 208 -28.41 -1.39 32.38
C ALA B 208 -29.56 -1.33 31.38
N PHE B 209 -30.28 -0.22 31.39
CA PHE B 209 -31.42 -0.06 30.49
C PHE B 209 -31.19 1.08 29.50
N PHE B 210 -31.30 0.77 28.22
CA PHE B 210 -31.15 1.77 27.17
C PHE B 210 -32.49 2.01 26.48
N VAL B 211 -33.09 3.16 26.75
CA VAL B 211 -34.44 3.43 26.27
C VAL B 211 -34.46 4.50 25.19
N SER B 212 -34.96 4.15 24.01
CA SER B 212 -35.04 5.08 22.90
C SER B 212 -36.46 5.19 22.36
N VAL B 213 -36.78 6.33 21.75
CA VAL B 213 -38.11 6.57 21.17
C VAL B 213 -38.30 5.74 19.90
#